data_9BCQ
#
_entry.id   9BCQ
#
_cell.length_a   1.00
_cell.length_b   1.00
_cell.length_c   1.00
_cell.angle_alpha   90.00
_cell.angle_beta   90.00
_cell.angle_gamma   90.00
#
_symmetry.space_group_name_H-M   'P 1'
#
loop_
_entity.id
_entity.type
_entity.pdbx_description
1 polymer 'Atrial natriuretic peptide receptor 1'
2 polymer 'Atrial natriuretic peptide'
3 branched 2-acetamido-2-deoxy-beta-D-glucopyranose-(1-4)-2-acetamido-2-deoxy-beta-D-glucopyranose
4 branched alpha-D-mannopyranose-(1-3)-2-acetamido-2-deoxy-beta-D-glucopyranose-(1-4)-2-acetamido-2-deoxy-beta-D-glucopyranose
5 non-polymer 'CHLORIDE ION'
6 non-polymer 2-acetamido-2-deoxy-beta-D-glucopyranose
#
loop_
_entity_poly.entity_id
_entity_poly.type
_entity_poly.pdbx_seq_one_letter_code
_entity_poly.pdbx_strand_id
1 'polypeptide(L)'
;DYKDDDDKAAAGNLTVAVVLPLANTSYPWSWARVGPAVELALAQVKARPDLLPGWTVRTVLGSSENALGVCSDTAAPLAA
VDLKWEHNPAVFLGPGCVYAAAPVGRFTAHWRVPLLTAGAPALGFGVKDEYALTTRAGPSYAKLGDFVAALHRRLGWERQ
ALMLYAYRPGDEEHCFFLVEGLFMRVRDRLNITVDHLEFAEDDLSHYTRLLRTMPRKGRVIYICSSPDAFRTLMLLALEA
GLCGEDYVFFHLDIFGQSLQGGQGPAPRRPWERGDGQDVSARQAFQAAKIITYKDPDNPEYLEFLKQLKHLAYEQFNFTM
EDGLVNTIPASFHDGLLLYIQAVTETLAHGGTVTDGENITQRMWNRSFQGVTGYLKIDSSGDRETDFSLWDMDPENGAFR
VVLNYNGTSQELVAVSGRKLNWPLGYPPPDIPKCGFDNEDPACNQDHLSTLEVLALVGSLSLLGILIVSFFIYRKMQLEK
ELASELWRVRWEDVEPSSLERHLRSAGSRLTLSGRGSNYGSLLTTEGQFQVFAKTAYYKGNLVAVKRVNRKRIELTRKVL
FELKHMRDVQNEHLTRFVGACTDPPNICILTEYCPRGSLQDILENESITLDWMFRYSLTNDIVKGMLFLHNGAICSHGNL
KSSNCVVDGRFVLKITDYGLESFRDLDPEQGHTVYAKKLWTAPELLRMASPPVRGSQAGDVYSFGIILQEIALRSGVFHV
EGLDLSPKEIIERVTRGEQPPFRPSLALQSHLEELGLLMQRCWAEDPQERPPFQQIRLTLRKFNRENSSNILDNLLSRME
QYANNLEELVEERTQAYLEEKRKAEALLYQILPHSVAEQLKRGETVQAEAFDSVTIYFSDIVGFTALSAESTPMQVVTLL
NDLYTCFDAVIDNFDVYKVETIGDAYMVVSGLPVRNGRLHACEVARMALALLDAVRSFRIRHRPQEQLRLRIGIHTGPVC
AGVVGLKMPRYCLFGDTVNTASRMESNGEALKIHLSSETKAVLEEFGGFELELRGDVEMKGKGKVRTYWLLGERGSSTRG
;
A,B
2 'polypeptide(L)' SLRRSSCFGGRMDRIGAQSGLGCNSFRY C
#
# COMPACT_ATOMS: atom_id res chain seq x y z
N GLY A 12 25.14 22.39 26.59
CA GLY A 12 24.84 21.29 25.63
C GLY A 12 23.96 21.76 24.49
N ASN A 13 23.94 20.99 23.41
CA ASN A 13 23.17 21.31 22.22
C ASN A 13 22.15 20.22 21.96
N LEU A 14 20.90 20.60 21.73
CA LEU A 14 19.83 19.68 21.38
C LEU A 14 19.41 19.98 19.95
N THR A 15 19.68 19.05 19.04
CA THR A 15 19.43 19.24 17.63
C THR A 15 18.08 18.66 17.26
N VAL A 16 17.25 19.45 16.58
CA VAL A 16 15.95 19.04 16.10
C VAL A 16 15.99 18.98 14.59
N ALA A 17 15.62 17.84 14.02
CA ALA A 17 15.65 17.64 12.57
C ALA A 17 14.26 17.83 12.03
N VAL A 18 14.11 18.72 11.06
CA VAL A 18 12.83 19.03 10.45
C VAL A 18 12.83 18.46 9.05
N VAL A 19 11.89 17.56 8.78
CA VAL A 19 11.69 17.02 7.44
C VAL A 19 10.26 17.39 7.05
N LEU A 20 10.12 18.55 6.44
CA LEU A 20 8.82 19.12 6.09
C LEU A 20 8.96 19.84 4.76
N PRO A 21 7.84 20.07 4.06
CA PRO A 21 7.92 20.82 2.80
C PRO A 21 8.43 22.23 2.99
N LEU A 22 9.63 22.52 2.51
CA LEU A 22 10.23 23.82 2.79
C LEU A 22 9.77 24.88 1.79
N ALA A 23 9.64 24.51 0.52
CA ALA A 23 9.31 25.45 -0.54
C ALA A 23 7.83 25.50 -0.86
N ASN A 24 7.18 24.34 -0.99
CA ASN A 24 5.75 24.29 -1.24
C ASN A 24 5.00 24.71 0.01
N THR A 25 4.17 25.75 -0.10
CA THR A 25 3.45 26.31 1.04
C THR A 25 1.95 26.02 0.97
N SER A 26 1.60 24.84 0.47
CA SER A 26 0.21 24.44 0.36
C SER A 26 -0.20 23.36 1.35
N TYR A 27 0.75 22.83 2.12
CA TYR A 27 0.46 21.76 3.05
C TYR A 27 0.22 22.32 4.45
N PRO A 28 -0.71 21.78 5.22
CA PRO A 28 -0.90 22.28 6.59
C PRO A 28 0.36 22.21 7.43
N TRP A 29 1.29 21.33 7.08
CA TRP A 29 2.53 21.15 7.83
C TRP A 29 3.72 21.74 7.08
N SER A 30 3.49 22.63 6.13
CA SER A 30 4.58 23.23 5.41
C SER A 30 5.43 24.06 6.35
N TRP A 31 6.73 24.13 6.06
CA TRP A 31 7.63 24.92 6.89
C TRP A 31 7.25 26.38 6.93
N ALA A 32 6.46 26.85 5.97
CA ALA A 32 6.00 28.23 6.02
C ALA A 32 5.08 28.48 7.21
N ARG A 33 4.22 27.51 7.53
CA ARG A 33 3.30 27.63 8.66
C ARG A 33 3.89 27.04 9.93
N VAL A 34 4.50 25.85 9.83
CA VAL A 34 5.09 25.23 11.00
C VAL A 34 6.33 25.99 11.45
N GLY A 35 7.04 26.62 10.53
CA GLY A 35 8.28 27.27 10.84
C GLY A 35 8.16 28.35 11.89
N PRO A 36 7.24 29.29 11.67
CA PRO A 36 7.02 30.33 12.70
C PRO A 36 6.64 29.75 14.05
N ALA A 37 5.82 28.70 14.07
CA ALA A 37 5.37 28.14 15.34
C ALA A 37 6.52 27.51 16.10
N VAL A 38 7.44 26.83 15.40
CA VAL A 38 8.60 26.29 16.08
C VAL A 38 9.51 27.39 16.57
N GLU A 39 9.44 28.58 15.96
CA GLU A 39 10.24 29.70 16.42
C GLU A 39 9.66 30.29 17.70
N LEU A 40 8.34 30.37 17.79
CA LEU A 40 7.71 30.82 19.03
C LEU A 40 8.01 29.85 20.17
N ALA A 41 7.89 28.56 19.92
CA ALA A 41 8.11 27.58 20.97
C ALA A 41 9.55 27.62 21.46
N LEU A 42 10.51 27.67 20.54
CA LEU A 42 11.91 27.60 20.91
C LEU A 42 12.39 28.85 21.63
N ALA A 43 11.64 29.95 21.52
CA ALA A 43 11.93 31.15 22.29
C ALA A 43 11.23 31.14 23.65
N GLN A 44 10.21 30.30 23.80
CA GLN A 44 9.55 30.15 25.10
C GLN A 44 10.32 29.24 26.03
N VAL A 45 11.06 28.27 25.48
CA VAL A 45 11.95 27.47 26.32
C VAL A 45 13.18 28.28 26.72
N LYS A 46 13.56 29.28 25.93
CA LYS A 46 14.70 30.11 26.26
C LYS A 46 14.34 31.17 27.28
N ALA A 47 13.07 31.57 27.34
CA ALA A 47 12.61 32.55 28.30
C ALA A 47 12.16 31.92 29.61
N ARG A 48 12.08 30.59 29.69
CA ARG A 48 11.64 29.90 30.89
C ARG A 48 12.82 29.18 31.54
N PRO A 49 13.25 29.58 32.74
CA PRO A 49 14.35 28.85 33.38
C PRO A 49 14.04 27.39 33.66
N ASP A 50 12.77 27.04 33.85
CA ASP A 50 12.39 25.69 34.23
C ASP A 50 12.25 24.75 33.04
N LEU A 51 12.88 25.08 31.91
CA LEU A 51 12.83 24.24 30.72
C LEU A 51 14.22 24.19 30.12
N LEU A 52 14.88 23.04 30.23
CA LEU A 52 16.23 22.88 29.71
C LEU A 52 17.10 24.04 30.20
N PRO A 53 17.42 24.10 31.48
CA PRO A 53 18.18 25.24 32.01
C PRO A 53 19.61 25.27 31.49
N GLY A 54 19.93 26.27 30.68
CA GLY A 54 21.27 26.44 30.15
C GLY A 54 21.54 25.69 28.87
N TRP A 55 20.62 24.86 28.41
CA TRP A 55 20.78 24.12 27.16
C TRP A 55 20.30 24.95 25.98
N THR A 56 20.85 24.64 24.81
CA THR A 56 20.54 25.35 23.58
C THR A 56 19.82 24.41 22.62
N VAL A 57 18.81 24.94 21.94
CA VAL A 57 18.01 24.17 20.99
C VAL A 57 18.26 24.74 19.60
N ARG A 58 18.71 23.89 18.69
CA ARG A 58 18.98 24.27 17.31
C ARG A 58 18.20 23.37 16.37
N THR A 59 17.80 23.93 15.24
CA THR A 59 17.01 23.21 14.24
C THR A 59 17.84 23.07 12.97
N VAL A 60 17.83 21.87 12.39
CA VAL A 60 18.51 21.59 11.14
C VAL A 60 17.45 21.17 10.13
N LEU A 61 17.43 21.83 8.98
CA LEU A 61 16.33 21.71 8.03
C LEU A 61 16.67 20.71 6.93
N GLY A 62 15.70 19.85 6.64
CA GLY A 62 15.79 18.96 5.50
C GLY A 62 14.45 18.95 4.79
N SER A 63 14.46 18.94 3.47
CA SER A 63 13.21 18.95 2.71
C SER A 63 12.66 17.54 2.57
N SER A 64 11.37 17.46 2.26
CA SER A 64 10.69 16.18 2.05
C SER A 64 9.92 16.19 0.75
N GLU A 65 10.40 16.92 -0.26
CA GLU A 65 9.66 17.08 -1.49
C GLU A 65 10.58 16.95 -2.69
N ASN A 66 9.98 16.63 -3.83
CA ASN A 66 10.70 16.34 -5.06
C ASN A 66 11.26 17.62 -5.63
N ALA A 67 11.80 17.52 -6.85
CA ALA A 67 11.99 18.73 -7.65
C ALA A 67 10.66 19.25 -8.19
N LEU A 68 9.60 18.43 -8.13
CA LEU A 68 8.28 18.85 -8.54
C LEU A 68 7.52 19.59 -7.45
N GLY A 69 8.07 19.67 -6.25
CA GLY A 69 7.46 20.44 -5.17
C GLY A 69 6.39 19.73 -4.39
N VAL A 70 6.27 18.41 -4.52
CA VAL A 70 5.26 17.64 -3.81
C VAL A 70 5.98 16.72 -2.83
N CYS A 71 5.46 16.61 -1.62
CA CYS A 71 6.04 15.74 -0.62
C CYS A 71 6.10 14.31 -1.16
N SER A 72 7.25 13.67 -1.02
CA SER A 72 7.50 12.39 -1.67
C SER A 72 8.01 11.38 -0.66
N ASP A 73 7.77 10.10 -0.96
CA ASP A 73 8.23 9.00 -0.14
C ASP A 73 9.67 8.62 -0.42
N THR A 74 10.28 9.19 -1.46
CA THR A 74 11.67 8.91 -1.80
C THR A 74 12.63 10.03 -1.45
N ALA A 75 12.14 11.25 -1.25
CA ALA A 75 12.99 12.36 -0.83
C ALA A 75 13.03 12.51 0.68
N ALA A 76 11.93 12.23 1.37
CA ALA A 76 11.93 12.32 2.83
C ALA A 76 12.86 11.32 3.48
N PRO A 77 12.84 10.03 3.14
CA PRO A 77 13.81 9.11 3.75
C PRO A 77 15.25 9.49 3.50
N LEU A 78 15.58 9.95 2.30
CA LEU A 78 16.97 10.28 2.00
C LEU A 78 17.39 11.56 2.70
N ALA A 79 16.49 12.55 2.80
CA ALA A 79 16.79 13.73 3.58
C ALA A 79 16.99 13.38 5.05
N ALA A 80 16.18 12.46 5.57
CA ALA A 80 16.33 12.05 6.95
C ALA A 80 17.67 11.34 7.18
N VAL A 81 18.06 10.47 6.24
CA VAL A 81 19.33 9.78 6.38
C VAL A 81 20.49 10.78 6.34
N ASP A 82 20.44 11.74 5.43
CA ASP A 82 21.49 12.75 5.38
C ASP A 82 21.53 13.56 6.67
N LEU A 83 20.36 13.93 7.19
CA LEU A 83 20.30 14.70 8.43
C LEU A 83 20.92 13.92 9.58
N LYS A 84 20.58 12.65 9.70
CA LYS A 84 21.14 11.83 10.78
C LYS A 84 22.65 11.74 10.64
N TRP A 85 23.14 11.50 9.43
CA TRP A 85 24.57 11.32 9.27
C TRP A 85 25.34 12.60 9.53
N GLU A 86 24.75 13.76 9.22
CA GLU A 86 25.49 15.01 9.29
C GLU A 86 25.28 15.77 10.60
N HIS A 87 24.26 15.45 11.38
CA HIS A 87 23.95 16.28 12.55
C HIS A 87 23.70 15.44 13.80
N ASN A 88 23.27 14.20 13.62
CA ASN A 88 22.98 13.31 14.74
C ASN A 88 21.85 13.89 15.58
N PRO A 89 20.67 14.07 15.01
CA PRO A 89 19.60 14.77 15.74
C PRO A 89 19.19 14.01 16.98
N ALA A 90 18.73 14.77 17.98
CA ALA A 90 18.11 14.16 19.14
C ALA A 90 16.69 13.68 18.84
N VAL A 91 15.98 14.41 17.97
CA VAL A 91 14.61 14.10 17.62
C VAL A 91 14.36 14.59 16.20
N PHE A 92 13.32 14.04 15.57
CA PHE A 92 12.89 14.47 14.25
C PHE A 92 11.53 15.13 14.38
N LEU A 93 11.39 16.33 13.82
CA LEU A 93 10.08 16.98 13.82
C LEU A 93 9.15 16.38 12.78
N GLY A 94 9.63 15.42 12.00
CA GLY A 94 8.78 14.45 11.36
C GLY A 94 8.07 15.00 10.15
N PRO A 95 7.95 14.18 9.11
CA PRO A 95 7.09 14.55 7.99
C PRO A 95 5.63 14.60 8.41
N GLY A 96 4.80 15.11 7.51
CA GLY A 96 3.37 15.15 7.74
C GLY A 96 2.63 14.25 6.79
N CYS A 97 3.17 14.07 5.59
CA CYS A 97 2.52 13.22 4.61
C CYS A 97 2.59 11.76 5.04
N VAL A 98 1.54 11.01 4.71
CA VAL A 98 1.48 9.60 5.12
C VAL A 98 2.61 8.81 4.48
N TYR A 99 2.76 8.94 3.16
CA TYR A 99 3.73 8.13 2.44
C TYR A 99 5.15 8.61 2.72
N ALA A 100 5.33 9.88 3.04
CA ALA A 100 6.64 10.36 3.44
C ALA A 100 6.96 9.96 4.88
N ALA A 101 5.96 10.01 5.77
CA ALA A 101 6.20 9.74 7.18
C ALA A 101 6.38 8.26 7.46
N ALA A 102 5.75 7.38 6.68
CA ALA A 102 5.90 5.94 6.90
C ALA A 102 7.36 5.51 6.87
N PRO A 103 8.08 5.62 5.77
CA PRO A 103 9.48 5.19 5.78
C PRO A 103 10.34 5.89 6.81
N VAL A 104 10.13 7.20 7.02
CA VAL A 104 10.92 7.91 8.02
C VAL A 104 10.54 7.42 9.42
N GLY A 105 9.26 7.13 9.65
CA GLY A 105 8.87 6.57 10.93
C GLY A 105 9.58 5.27 11.22
N ARG A 106 9.61 4.37 10.23
CA ARG A 106 10.31 3.10 10.43
C ARG A 106 11.81 3.32 10.63
N PHE A 107 12.40 4.24 9.87
CA PHE A 107 13.83 4.50 10.00
C PHE A 107 14.19 4.99 11.39
N THR A 108 13.44 5.98 11.90
CA THR A 108 13.74 6.50 13.24
C THR A 108 13.38 5.49 14.32
N ALA A 109 12.41 4.61 14.06
CA ALA A 109 12.17 3.52 14.99
C ALA A 109 13.39 2.62 15.08
N HIS A 110 14.01 2.32 13.95
CA HIS A 110 15.22 1.50 13.98
C HIS A 110 16.36 2.22 14.69
N TRP A 111 16.53 3.52 14.43
CA TRP A 111 17.62 4.27 15.06
C TRP A 111 17.37 4.54 16.54
N ARG A 112 16.15 4.35 17.02
CA ARG A 112 15.79 4.63 18.40
C ARG A 112 15.94 6.12 18.72
N VAL A 113 15.31 6.95 17.89
CA VAL A 113 15.18 8.38 18.14
C VAL A 113 13.70 8.72 18.03
N PRO A 114 13.15 9.59 18.88
CA PRO A 114 11.72 9.89 18.79
C PRO A 114 11.37 10.56 17.47
N LEU A 115 10.07 10.68 17.22
CA LEU A 115 9.58 11.38 16.04
C LEU A 115 8.28 12.08 16.41
N LEU A 116 8.34 13.41 16.52
CA LEU A 116 7.15 14.21 16.78
C LEU A 116 6.53 14.64 15.46
N THR A 117 5.21 14.62 15.40
CA THR A 117 4.53 15.03 14.17
C THR A 117 3.04 15.24 14.38
N ALA A 118 2.53 16.40 13.96
CA ALA A 118 1.09 16.63 13.95
C ALA A 118 0.43 16.12 12.67
N GLY A 119 1.21 15.65 11.71
CA GLY A 119 0.70 14.98 10.54
C GLY A 119 0.74 13.48 10.70
N ALA A 120 0.84 12.78 9.58
CA ALA A 120 0.85 11.33 9.57
C ALA A 120 -0.35 10.78 10.35
N PRO A 121 -1.57 11.14 9.96
CA PRO A 121 -2.75 10.69 10.69
C PRO A 121 -3.26 9.31 10.30
N ALA A 122 -2.63 8.65 9.33
CA ALA A 122 -3.11 7.38 8.84
C ALA A 122 -3.24 6.37 9.97
N LEU A 123 -3.98 5.29 9.70
CA LEU A 123 -4.24 4.27 10.70
C LEU A 123 -3.01 3.40 10.97
N GLY A 124 -2.10 3.28 10.01
CA GLY A 124 -0.99 2.36 10.16
C GLY A 124 0.06 2.79 11.17
N PHE A 125 0.03 4.04 11.61
CA PHE A 125 0.99 4.52 12.58
C PHE A 125 0.63 4.13 14.01
N GLY A 126 -0.54 3.56 14.23
CA GLY A 126 -0.93 3.10 15.54
C GLY A 126 -0.42 1.73 15.90
N VAL A 127 0.36 1.11 15.03
CA VAL A 127 0.96 -0.19 15.29
C VAL A 127 2.31 0.09 15.96
N LYS A 128 2.31 0.20 17.27
CA LYS A 128 3.48 0.61 18.03
C LYS A 128 4.47 -0.53 18.26
N ASP A 129 4.38 -1.61 17.48
CA ASP A 129 5.45 -2.58 17.38
C ASP A 129 6.36 -2.31 16.18
N GLU A 130 6.01 -1.35 15.34
CA GLU A 130 6.82 -0.96 14.20
C GLU A 130 7.25 0.50 14.27
N TYR A 131 6.31 1.41 14.54
CA TYR A 131 6.63 2.80 14.84
C TYR A 131 6.73 2.99 16.35
N ALA A 132 7.71 2.28 16.92
CA ALA A 132 7.79 2.13 18.37
C ALA A 132 8.01 3.45 19.10
N LEU A 133 8.49 4.48 18.41
CA LEU A 133 8.88 5.73 19.06
C LEU A 133 8.12 6.92 18.51
N THR A 134 7.14 6.71 17.64
CA THR A 134 6.45 7.81 16.97
C THR A 134 5.38 8.37 17.91
N THR A 135 5.57 9.60 18.36
CA THR A 135 4.57 10.32 19.13
C THR A 135 3.82 11.25 18.19
N ARG A 136 2.49 11.15 18.19
CA ARG A 136 1.65 11.99 17.35
C ARG A 136 0.96 13.00 18.24
N ALA A 137 1.33 14.26 18.10
CA ALA A 137 0.78 15.35 18.88
C ALA A 137 -0.34 16.07 18.16
N GLY A 138 -0.83 15.53 17.06
CA GLY A 138 -1.87 16.15 16.30
C GLY A 138 -3.05 15.23 16.05
N PRO A 139 -4.00 15.67 15.23
CA PRO A 139 -5.18 14.86 14.97
C PRO A 139 -4.86 13.56 14.26
N SER A 140 -5.71 12.56 14.48
CA SER A 140 -5.57 11.24 13.88
C SER A 140 -6.91 10.84 13.28
N TYR A 141 -6.85 10.05 12.21
CA TYR A 141 -8.07 9.59 11.57
C TYR A 141 -8.71 8.43 12.32
N ALA A 142 -7.97 7.74 13.18
CA ALA A 142 -8.56 6.65 13.94
C ALA A 142 -9.44 7.18 15.06
N LYS A 143 -9.16 8.37 15.57
CA LYS A 143 -9.93 8.95 16.66
C LYS A 143 -11.16 9.70 16.19
N LEU A 144 -11.43 9.68 14.89
CA LEU A 144 -12.71 10.12 14.37
C LEU A 144 -13.75 9.01 14.38
N GLY A 145 -13.33 7.77 14.66
CA GLY A 145 -14.25 6.65 14.68
C GLY A 145 -14.88 6.41 16.02
N ASP A 146 -14.21 6.82 17.09
CA ASP A 146 -14.83 6.80 18.40
C ASP A 146 -15.68 8.03 18.68
N PHE A 147 -15.56 9.07 17.85
CA PHE A 147 -16.55 10.14 17.88
C PHE A 147 -17.83 9.69 17.20
N VAL A 148 -17.71 8.98 16.08
CA VAL A 148 -18.88 8.47 15.38
C VAL A 148 -19.58 7.41 16.21
N ALA A 149 -18.82 6.60 16.96
CA ALA A 149 -19.45 5.61 17.83
C ALA A 149 -20.30 6.27 18.90
N ALA A 150 -19.76 7.30 19.55
CA ALA A 150 -20.53 8.03 20.55
C ALA A 150 -21.73 8.71 19.92
N LEU A 151 -21.56 9.24 18.70
CA LEU A 151 -22.68 9.84 18.00
C LEU A 151 -23.79 8.83 17.75
N HIS A 152 -23.41 7.61 17.35
CA HIS A 152 -24.39 6.56 17.15
C HIS A 152 -25.09 6.20 18.44
N ARG A 153 -24.33 6.07 19.52
CA ARG A 153 -24.94 5.70 20.80
C ARG A 153 -25.92 6.75 21.28
N ARG A 154 -25.58 8.02 21.12
CA ARG A 154 -26.47 9.09 21.55
C ARG A 154 -27.76 9.10 20.73
N LEU A 155 -27.68 8.77 19.45
CA LEU A 155 -28.81 8.90 18.54
C LEU A 155 -29.50 7.57 18.25
N GLY A 156 -29.20 6.53 19.00
CA GLY A 156 -29.90 5.27 18.84
C GLY A 156 -29.67 4.56 17.52
N TRP A 157 -28.43 4.52 17.05
CA TRP A 157 -28.06 3.82 15.82
C TRP A 157 -27.18 2.63 16.21
N GLU A 158 -27.68 1.42 15.96
CA GLU A 158 -26.97 0.21 16.38
C GLU A 158 -26.91 -0.89 15.34
N ARG A 159 -27.42 -0.68 14.12
CA ARG A 159 -27.52 -1.75 13.15
C ARG A 159 -26.57 -1.60 11.98
N GLN A 160 -26.60 -0.47 11.25
CA GLN A 160 -25.90 -0.42 9.99
C GLN A 160 -25.61 1.02 9.59
N ALA A 161 -24.57 1.18 8.77
CA ALA A 161 -24.18 2.48 8.23
C ALA A 161 -23.52 2.25 6.88
N LEU A 162 -23.20 3.35 6.21
CA LEU A 162 -22.54 3.32 4.91
C LEU A 162 -21.46 4.39 4.89
N MET A 163 -20.40 4.14 4.15
CA MET A 163 -19.29 5.08 4.06
C MET A 163 -18.80 5.17 2.63
N LEU A 164 -18.68 6.39 2.12
CA LEU A 164 -18.20 6.63 0.77
C LEU A 164 -16.99 7.55 0.83
N TYR A 165 -15.99 7.25 0.01
CA TYR A 165 -14.84 8.13 -0.15
C TYR A 165 -14.58 8.32 -1.63
N ALA A 166 -14.02 9.47 -1.98
CA ALA A 166 -13.90 9.89 -3.36
C ALA A 166 -12.45 9.89 -3.80
N TYR A 167 -12.22 9.54 -5.07
CA TYR A 167 -10.90 9.49 -5.64
C TYR A 167 -10.64 10.75 -6.47
N ARG A 168 -9.56 11.46 -6.14
CA ARG A 168 -9.12 12.61 -6.92
C ARG A 168 -7.62 12.42 -7.14
N PRO A 169 -7.15 12.41 -8.39
CA PRO A 169 -5.74 12.04 -8.62
C PRO A 169 -4.73 12.90 -7.87
N GLY A 170 -5.00 14.19 -7.71
CA GLY A 170 -3.99 15.07 -7.14
C GLY A 170 -3.64 14.73 -5.70
N ASP A 171 -4.65 14.52 -4.87
CA ASP A 171 -4.42 14.36 -3.44
C ASP A 171 -3.74 13.03 -3.14
N GLU A 172 -3.15 12.94 -1.96
CA GLU A 172 -2.42 11.75 -1.55
C GLU A 172 -3.35 10.73 -0.90
N GLU A 173 -4.44 10.40 -1.59
CA GLU A 173 -5.43 9.47 -1.09
C GLU A 173 -5.93 9.88 0.30
N HIS A 174 -6.34 11.14 0.41
CA HIS A 174 -6.74 11.66 1.71
C HIS A 174 -7.98 10.93 2.23
N CYS A 175 -9.03 10.87 1.43
CA CYS A 175 -10.26 10.24 1.88
C CYS A 175 -10.12 8.74 2.05
N PHE A 176 -9.26 8.08 1.28
CA PHE A 176 -9.06 6.66 1.52
C PHE A 176 -8.60 6.44 2.95
N PHE A 177 -7.56 7.16 3.38
CA PHE A 177 -7.03 6.99 4.73
C PHE A 177 -8.03 7.44 5.79
N LEU A 178 -8.74 8.54 5.54
CA LEU A 178 -9.67 9.03 6.54
C LEU A 178 -10.79 8.02 6.77
N VAL A 179 -11.40 7.52 5.70
CA VAL A 179 -12.44 6.52 5.85
C VAL A 179 -11.86 5.21 6.36
N GLU A 180 -10.59 4.93 6.06
CA GLU A 180 -9.96 3.73 6.61
C GLU A 180 -9.92 3.78 8.13
N GLY A 181 -9.43 4.88 8.68
CA GLY A 181 -9.40 5.02 10.13
C GLY A 181 -10.79 4.98 10.72
N LEU A 182 -11.71 5.75 10.16
CA LEU A 182 -13.07 5.78 10.67
C LEU A 182 -13.70 4.38 10.65
N PHE A 183 -13.55 3.66 9.55
CA PHE A 183 -14.16 2.34 9.40
C PHE A 183 -13.52 1.32 10.34
N MET A 184 -12.19 1.33 10.45
CA MET A 184 -11.51 0.32 11.25
C MET A 184 -11.65 0.58 12.74
N ARG A 185 -11.99 1.80 13.16
CA ARG A 185 -12.18 2.06 14.58
C ARG A 185 -13.63 1.93 15.02
N VAL A 186 -14.60 2.20 14.12
CA VAL A 186 -16.00 2.23 14.51
C VAL A 186 -16.66 0.87 14.42
N ARG A 187 -15.91 -0.19 14.11
CA ARG A 187 -16.47 -1.53 14.08
C ARG A 187 -15.72 -2.50 14.97
N ASP A 188 -14.71 -2.04 15.71
CA ASP A 188 -14.15 -2.84 16.79
C ASP A 188 -14.72 -2.49 18.14
N ARG A 189 -15.38 -1.33 18.27
CA ARG A 189 -16.05 -0.94 19.49
C ARG A 189 -17.54 -0.77 19.31
N LEU A 190 -18.08 -1.17 18.16
CA LEU A 190 -19.51 -1.23 17.94
C LEU A 190 -19.83 -2.54 17.24
N ASN A 191 -21.06 -3.01 17.41
CA ASN A 191 -21.55 -4.24 16.80
C ASN A 191 -22.38 -3.97 15.56
N ILE A 192 -22.03 -2.94 14.81
CA ILE A 192 -22.80 -2.50 13.66
C ILE A 192 -22.18 -3.07 12.39
N THR A 193 -22.97 -3.15 11.34
CA THR A 193 -22.52 -3.62 10.04
C THR A 193 -22.23 -2.42 9.15
N VAL A 194 -20.95 -2.19 8.87
CA VAL A 194 -20.50 -1.05 8.08
C VAL A 194 -19.94 -1.57 6.77
N ASP A 195 -20.34 -0.95 5.66
CA ASP A 195 -19.81 -1.27 4.35
C ASP A 195 -19.37 0.00 3.64
N HIS A 196 -18.30 -0.09 2.87
CA HIS A 196 -17.69 1.05 2.22
C HIS A 196 -17.93 1.00 0.71
N LEU A 197 -17.56 2.08 0.03
CA LEU A 197 -17.72 2.18 -1.40
C LEU A 197 -16.96 3.40 -1.89
N GLU A 198 -16.35 3.28 -3.07
CA GLU A 198 -15.49 4.33 -3.62
C GLU A 198 -16.03 4.77 -4.97
N PHE A 199 -16.11 6.07 -5.17
CA PHE A 199 -16.45 6.67 -6.44
C PHE A 199 -15.32 7.61 -6.86
N ALA A 200 -15.48 8.25 -8.02
CA ALA A 200 -14.47 9.14 -8.56
C ALA A 200 -15.02 10.56 -8.60
N GLU A 201 -14.26 11.51 -8.06
CA GLU A 201 -14.71 12.89 -8.05
C GLU A 201 -14.80 13.42 -9.47
N ASP A 202 -15.86 14.19 -9.73
CA ASP A 202 -16.07 14.81 -11.03
C ASP A 202 -16.05 13.78 -12.16
N ASP A 203 -16.66 12.63 -11.91
CA ASP A 203 -17.05 11.69 -12.96
C ASP A 203 -18.57 11.60 -12.85
N LEU A 204 -19.27 12.49 -13.53
CA LEU A 204 -20.70 12.65 -13.29
C LEU A 204 -21.48 11.36 -13.52
N SER A 205 -20.93 10.42 -14.29
CA SER A 205 -21.59 9.14 -14.45
C SER A 205 -21.50 8.28 -13.19
N HIS A 206 -20.54 8.58 -12.31
CA HIS A 206 -20.44 7.83 -11.05
C HIS A 206 -21.47 8.25 -10.04
N TYR A 207 -21.87 9.53 -10.02
CA TYR A 207 -22.86 9.97 -9.05
C TYR A 207 -24.20 9.29 -9.29
N THR A 208 -24.58 9.10 -10.56
CA THR A 208 -25.85 8.44 -10.85
C THR A 208 -25.85 7.01 -10.31
N ARG A 209 -24.76 6.27 -10.55
CA ARG A 209 -24.66 4.92 -10.01
C ARG A 209 -24.65 4.94 -8.49
N LEU A 210 -23.98 5.92 -7.90
CA LEU A 210 -23.93 6.04 -6.45
C LEU A 210 -25.32 6.24 -5.87
N LEU A 211 -26.14 7.07 -6.52
CA LEU A 211 -27.50 7.29 -6.06
C LEU A 211 -28.35 6.05 -6.26
N ARG A 212 -28.13 5.30 -7.33
CA ARG A 212 -28.90 4.08 -7.53
C ARG A 212 -28.52 3.02 -6.52
N THR A 213 -27.28 3.05 -6.03
CA THR A 213 -26.82 2.06 -5.05
C THR A 213 -27.25 2.42 -3.63
N MET A 214 -26.98 3.65 -3.20
CA MET A 214 -27.17 4.07 -1.81
C MET A 214 -28.48 3.62 -1.18
N PRO A 215 -29.65 3.71 -1.83
CA PRO A 215 -30.89 3.36 -1.14
C PRO A 215 -30.92 1.94 -0.61
N ARG A 216 -30.20 1.02 -1.25
CA ARG A 216 -30.20 -0.38 -0.83
C ARG A 216 -28.98 -0.75 0.01
N LYS A 217 -28.17 0.23 0.42
CA LYS A 217 -26.95 -0.05 1.15
C LYS A 217 -26.90 0.56 2.55
N GLY A 218 -27.64 1.62 2.81
CA GLY A 218 -27.64 2.20 4.15
C GLY A 218 -28.50 3.44 4.19
N ARG A 219 -28.74 3.92 5.41
CA ARG A 219 -29.48 5.15 5.65
C ARG A 219 -28.69 6.19 6.43
N VAL A 220 -27.59 5.80 7.06
CA VAL A 220 -26.67 6.73 7.71
C VAL A 220 -25.40 6.70 6.89
N ILE A 221 -25.07 7.81 6.25
CA ILE A 221 -24.03 7.84 5.22
C ILE A 221 -22.95 8.85 5.62
N TYR A 222 -21.70 8.45 5.43
CA TYR A 222 -20.55 9.31 5.70
C TYR A 222 -19.75 9.46 4.42
N ILE A 223 -19.60 10.70 3.95
CA ILE A 223 -18.95 10.99 2.68
C ILE A 223 -17.69 11.82 2.96
N CYS A 224 -16.56 11.37 2.44
CA CYS A 224 -15.35 12.18 2.37
C CYS A 224 -15.12 12.56 0.91
N SER A 225 -15.28 13.84 0.60
CA SER A 225 -15.06 14.36 -0.73
C SER A 225 -14.70 15.83 -0.60
N SER A 226 -14.60 16.51 -1.72
CA SER A 226 -14.43 17.95 -1.71
C SER A 226 -15.79 18.61 -1.53
N PRO A 227 -15.82 19.87 -1.08
CA PRO A 227 -17.11 20.52 -0.86
C PRO A 227 -18.01 20.54 -2.09
N ASP A 228 -17.43 20.76 -3.27
CA ASP A 228 -18.23 20.82 -4.49
C ASP A 228 -18.82 19.45 -4.83
N ALA A 229 -18.05 18.38 -4.65
CA ALA A 229 -18.58 17.04 -4.87
C ALA A 229 -19.73 16.75 -3.92
N PHE A 230 -19.59 17.14 -2.66
CA PHE A 230 -20.67 16.92 -1.70
C PHE A 230 -21.91 17.71 -2.09
N ARG A 231 -21.73 18.96 -2.54
CA ARG A 231 -22.89 19.76 -2.94
C ARG A 231 -23.58 19.15 -4.15
N THR A 232 -22.79 18.65 -5.11
CA THR A 232 -23.39 17.98 -6.26
C THR A 232 -24.16 16.73 -5.84
N LEU A 233 -23.57 15.92 -4.95
CA LEU A 233 -24.27 14.72 -4.49
C LEU A 233 -25.55 15.09 -3.76
N MET A 234 -25.51 16.14 -2.95
CA MET A 234 -26.72 16.56 -2.23
C MET A 234 -27.80 16.99 -3.21
N LEU A 235 -27.43 17.73 -4.24
CA LEU A 235 -28.43 18.16 -5.22
C LEU A 235 -29.02 16.96 -5.97
N LEU A 236 -28.17 16.01 -6.39
CA LEU A 236 -28.69 14.84 -7.08
C LEU A 236 -29.56 13.99 -6.17
N ALA A 237 -29.18 13.86 -4.91
CA ALA A 237 -30.01 13.13 -3.96
C ALA A 237 -31.36 13.81 -3.76
N LEU A 238 -31.37 15.15 -3.70
CA LEU A 238 -32.63 15.87 -3.60
C LEU A 238 -33.48 15.62 -4.84
N GLU A 239 -32.87 15.62 -6.01
CA GLU A 239 -33.63 15.30 -7.22
C GLU A 239 -34.23 13.90 -7.14
N ALA A 240 -33.44 12.93 -6.69
CA ALA A 240 -33.88 11.53 -6.67
C ALA A 240 -34.91 11.24 -5.59
N GLY A 241 -35.16 12.17 -4.68
CA GLY A 241 -36.16 11.97 -3.65
C GLY A 241 -35.65 11.48 -2.32
N LEU A 242 -34.34 11.49 -2.10
CA LEU A 242 -33.74 11.11 -0.83
C LEU A 242 -33.83 12.31 0.10
N CYS A 243 -35.06 12.57 0.58
CA CYS A 243 -35.41 13.89 1.09
C CYS A 243 -34.99 14.15 2.53
N GLY A 244 -34.44 13.17 3.24
CA GLY A 244 -33.90 13.42 4.56
C GLY A 244 -34.83 13.09 5.71
N GLU A 245 -36.11 12.84 5.44
CA GLU A 245 -36.97 12.28 6.48
C GLU A 245 -36.57 10.85 6.81
N ASP A 246 -35.77 10.22 5.94
CA ASP A 246 -35.28 8.88 6.17
C ASP A 246 -33.79 8.75 5.94
N TYR A 247 -33.11 9.81 5.53
CA TYR A 247 -31.67 9.79 5.31
C TYR A 247 -31.01 10.91 6.09
N VAL A 248 -29.74 10.69 6.44
CA VAL A 248 -28.89 11.73 7.00
C VAL A 248 -27.50 11.52 6.45
N PHE A 249 -26.94 12.54 5.80
CA PHE A 249 -25.62 12.49 5.20
C PHE A 249 -24.65 13.28 6.06
N PHE A 250 -23.53 12.65 6.41
CA PHE A 250 -22.47 13.30 7.18
C PHE A 250 -21.30 13.58 6.25
N HIS A 251 -20.79 14.79 6.32
CA HIS A 251 -19.66 15.22 5.49
C HIS A 251 -18.43 15.31 6.39
N LEU A 252 -17.46 14.44 6.13
CA LEU A 252 -16.24 14.41 6.94
C LEU A 252 -15.29 15.47 6.39
N ASP A 253 -15.55 16.71 6.78
CA ASP A 253 -14.75 17.87 6.39
C ASP A 253 -13.89 18.26 7.59
N ILE A 254 -12.77 17.57 7.73
CA ILE A 254 -11.98 17.72 8.96
C ILE A 254 -11.52 19.16 9.14
N PHE A 255 -11.06 19.79 8.07
CA PHE A 255 -10.49 21.13 8.16
C PHE A 255 -11.51 22.22 7.86
N GLY A 256 -12.78 21.86 7.67
CA GLY A 256 -13.81 22.84 7.48
C GLY A 256 -13.58 23.72 6.28
N GLN A 257 -13.23 23.11 5.14
CA GLN A 257 -12.98 23.88 3.94
C GLN A 257 -14.26 24.24 3.20
N SER A 258 -15.37 23.59 3.51
CA SER A 258 -16.66 24.01 2.98
C SER A 258 -17.27 25.14 3.79
N LEU A 259 -16.74 25.42 4.97
CA LEU A 259 -17.24 26.46 5.87
C LEU A 259 -16.30 27.65 5.94
N GLN A 260 -15.52 27.87 4.89
CA GLN A 260 -14.58 28.99 4.81
C GLN A 260 -13.60 28.98 5.99
N GLY A 261 -13.13 27.79 6.36
CA GLY A 261 -12.15 27.61 7.41
C GLY A 261 -12.73 27.05 8.69
N GLY A 262 -14.02 27.25 8.93
CA GLY A 262 -14.68 26.65 10.07
C GLY A 262 -14.30 27.23 11.41
N GLN A 263 -13.50 28.29 11.45
CA GLN A 263 -13.04 28.88 12.69
C GLN A 263 -13.77 30.18 12.96
N GLY A 264 -14.27 30.33 14.19
CA GLY A 264 -14.93 31.54 14.60
C GLY A 264 -16.44 31.43 14.48
N PRO A 265 -17.18 32.19 15.30
CA PRO A 265 -18.64 32.18 15.21
C PRO A 265 -19.14 33.08 14.09
N ALA A 266 -19.73 32.49 13.06
CA ALA A 266 -20.26 33.27 11.95
C ALA A 266 -21.13 32.35 11.10
N PRO A 267 -22.32 32.80 10.69
CA PRO A 267 -23.10 32.01 9.73
C PRO A 267 -22.27 31.67 8.50
N ARG A 268 -22.37 30.41 8.06
CA ARG A 268 -21.51 29.89 6.99
C ARG A 268 -22.25 29.60 5.70
N ARG A 269 -23.44 29.01 5.77
CA ARG A 269 -24.22 28.67 4.58
C ARG A 269 -23.32 28.12 3.48
N PRO A 270 -22.83 26.89 3.63
CA PRO A 270 -21.91 26.31 2.65
C PRO A 270 -22.57 25.76 1.40
N TRP A 271 -23.84 26.07 1.15
CA TRP A 271 -24.55 25.64 -0.03
C TRP A 271 -24.67 26.75 -1.08
N GLU A 272 -24.07 27.90 -0.84
CA GLU A 272 -24.23 29.07 -1.69
C GLU A 272 -22.93 29.31 -2.45
N ARG A 273 -23.04 29.35 -3.78
CA ARG A 273 -21.89 29.65 -4.63
C ARG A 273 -22.24 30.57 -5.79
N GLY A 274 -23.41 31.20 -5.79
CA GLY A 274 -23.80 32.01 -6.91
C GLY A 274 -24.10 31.22 -8.16
N ASP A 275 -24.11 29.89 -8.07
CA ASP A 275 -24.35 29.04 -9.23
C ASP A 275 -25.72 29.27 -9.83
N GLY A 276 -26.64 29.85 -9.07
CA GLY A 276 -28.00 30.06 -9.53
C GLY A 276 -28.95 29.07 -8.90
N GLN A 277 -28.53 27.82 -8.81
CA GLN A 277 -29.29 26.80 -8.10
C GLN A 277 -28.84 26.66 -6.65
N ASP A 278 -28.78 27.79 -5.96
CA ASP A 278 -28.51 27.81 -4.53
C ASP A 278 -29.79 27.94 -3.70
N VAL A 279 -30.96 27.91 -4.34
CA VAL A 279 -32.22 27.82 -3.63
C VAL A 279 -32.63 26.36 -3.45
N SER A 280 -32.40 25.53 -4.48
CA SER A 280 -32.61 24.10 -4.35
C SER A 280 -31.44 23.41 -3.67
N ALA A 281 -30.29 24.08 -3.57
CA ALA A 281 -29.17 23.57 -2.80
C ALA A 281 -29.28 23.92 -1.32
N ARG A 282 -30.35 24.61 -0.92
CA ARG A 282 -30.59 24.92 0.48
C ARG A 282 -31.42 23.85 1.17
N GLN A 283 -32.43 23.33 0.49
CA GLN A 283 -33.25 22.27 1.07
C GLN A 283 -32.63 20.90 0.91
N ALA A 284 -31.58 20.77 0.10
CA ALA A 284 -30.81 19.53 0.06
C ALA A 284 -29.80 19.44 1.18
N PHE A 285 -29.52 20.56 1.86
CA PHE A 285 -28.60 20.59 2.99
C PHE A 285 -29.29 20.56 4.34
N GLN A 286 -30.63 20.53 4.36
CA GLN A 286 -31.33 20.43 5.63
C GLN A 286 -31.39 18.98 6.11
N ALA A 287 -30.79 18.06 5.37
CA ALA A 287 -30.57 16.68 5.81
C ALA A 287 -29.09 16.34 5.72
N ALA A 288 -28.23 17.31 6.01
CA ALA A 288 -26.79 17.11 5.93
C ALA A 288 -26.13 17.73 7.16
N LYS A 289 -25.30 16.94 7.83
CA LYS A 289 -24.47 17.40 8.92
C LYS A 289 -23.03 17.43 8.44
N ILE A 290 -22.18 18.16 9.16
CA ILE A 290 -20.78 18.31 8.79
C ILE A 290 -19.92 18.03 10.01
N ILE A 291 -18.95 17.13 9.85
CA ILE A 291 -18.04 16.75 10.92
C ILE A 291 -16.71 17.45 10.68
N THR A 292 -16.14 18.05 11.73
CA THR A 292 -15.02 18.95 11.59
C THR A 292 -14.20 18.92 12.86
N TYR A 293 -12.93 19.28 12.76
CA TYR A 293 -12.10 19.44 13.95
C TYR A 293 -12.68 20.55 14.81
N LYS A 294 -12.41 20.48 16.11
CA LYS A 294 -12.88 21.49 17.03
C LYS A 294 -11.91 22.66 17.06
N ASP A 295 -12.44 23.87 16.95
CA ASP A 295 -11.63 25.07 17.09
C ASP A 295 -11.41 25.36 18.58
N PRO A 296 -10.17 25.39 19.06
CA PRO A 296 -9.96 25.79 20.46
C PRO A 296 -10.50 27.19 20.72
N ASP A 297 -11.13 27.37 21.87
CA ASP A 297 -11.72 28.64 22.26
C ASP A 297 -10.89 29.35 23.32
N ASN A 298 -9.67 28.90 23.58
CA ASN A 298 -8.87 29.51 24.64
C ASN A 298 -8.54 30.95 24.29
N PRO A 299 -8.46 31.84 25.29
CA PRO A 299 -7.85 33.15 25.04
C PRO A 299 -6.36 33.07 24.73
N GLU A 300 -5.69 31.98 25.12
CA GLU A 300 -4.27 31.79 24.87
C GLU A 300 -3.99 31.28 23.46
N TYR A 301 -5.00 30.79 22.75
CA TYR A 301 -4.84 30.29 21.39
C TYR A 301 -4.97 31.41 20.37
N LEU A 302 -5.95 32.30 20.56
CA LEU A 302 -6.13 33.41 19.64
C LEU A 302 -4.95 34.38 19.69
N GLU A 303 -4.32 34.52 20.86
CA GLU A 303 -3.13 35.36 20.96
C GLU A 303 -1.94 34.71 20.26
N PHE A 304 -1.94 33.39 20.17
CA PHE A 304 -0.84 32.68 19.51
C PHE A 304 -0.94 32.83 18.00
N LEU A 305 -2.15 32.79 17.45
CA LEU A 305 -2.32 32.93 16.01
C LEU A 305 -1.86 34.29 15.52
N LYS A 306 -2.14 35.33 16.29
CA LYS A 306 -1.83 36.69 15.85
C LYS A 306 -0.34 36.85 15.59
N GLN A 307 0.49 36.48 16.57
CA GLN A 307 1.93 36.57 16.37
C GLN A 307 2.43 35.50 15.41
N LEU A 308 1.75 34.36 15.34
CA LEU A 308 2.08 33.38 14.32
C LEU A 308 1.92 33.96 12.93
N LYS A 309 0.79 34.58 12.65
CA LYS A 309 0.58 35.20 11.34
C LYS A 309 1.58 36.31 11.10
N HIS A 310 1.82 37.15 12.11
CA HIS A 310 2.76 38.23 11.94
C HIS A 310 4.13 37.70 11.53
N LEU A 311 4.65 36.72 12.26
CA LEU A 311 5.99 36.22 12.01
C LEU A 311 6.06 35.32 10.78
N ALA A 312 4.92 34.75 10.36
CA ALA A 312 4.88 34.08 9.07
C ALA A 312 5.01 35.08 7.93
N TYR A 313 4.39 36.25 8.08
CA TYR A 313 4.53 37.28 7.05
C TYR A 313 5.93 37.89 7.06
N GLU A 314 6.51 38.09 8.24
CA GLU A 314 7.80 38.78 8.33
C GLU A 314 8.92 37.94 7.73
N GLN A 315 8.96 36.64 8.05
CA GLN A 315 10.13 35.82 7.75
C GLN A 315 9.95 34.85 6.60
N PHE A 316 8.73 34.59 6.16
CA PHE A 316 8.48 33.66 5.07
C PHE A 316 7.67 34.25 3.93
N ASN A 317 7.22 35.50 4.05
CA ASN A 317 6.46 36.16 3.00
C ASN A 317 5.20 35.38 2.64
N PHE A 318 4.62 34.69 3.64
CA PHE A 318 3.42 33.90 3.46
C PHE A 318 2.33 34.49 4.33
N THR A 319 1.15 34.71 3.75
CA THR A 319 0.02 35.29 4.47
C THR A 319 -0.95 34.18 4.83
N MET A 320 -1.12 33.96 6.14
CA MET A 320 -2.01 32.92 6.62
C MET A 320 -3.46 33.36 6.52
N GLU A 321 -4.31 32.45 6.05
CA GLU A 321 -5.75 32.64 6.04
C GLU A 321 -6.34 31.88 7.22
N ASP A 322 -7.25 32.53 7.95
CA ASP A 322 -7.87 31.90 9.11
C ASP A 322 -8.43 30.53 8.72
N GLY A 323 -8.61 29.68 9.73
CA GLY A 323 -9.21 28.39 9.52
C GLY A 323 -8.67 27.36 10.49
N LEU A 324 -9.30 26.19 10.47
CA LEU A 324 -8.87 25.09 11.31
C LEU A 324 -7.56 24.47 10.83
N VAL A 325 -7.13 24.75 9.60
CA VAL A 325 -5.85 24.28 9.11
C VAL A 325 -4.69 24.83 9.92
N ASN A 326 -4.95 25.81 10.79
CA ASN A 326 -3.94 26.40 11.65
C ASN A 326 -3.75 25.65 12.95
N THR A 327 -4.52 24.59 13.19
CA THR A 327 -4.33 23.78 14.38
C THR A 327 -3.19 22.79 14.23
N ILE A 328 -2.57 22.70 13.06
CA ILE A 328 -1.42 21.82 12.87
C ILE A 328 -0.17 22.58 13.29
N PRO A 329 0.04 23.83 12.88
CA PRO A 329 1.11 24.63 13.50
C PRO A 329 1.05 24.65 15.03
N ALA A 330 -0.15 24.84 15.58
CA ALA A 330 -0.28 24.89 17.03
C ALA A 330 -0.01 23.53 17.66
N SER A 331 -0.40 22.45 16.98
CA SER A 331 -0.12 21.12 17.50
C SER A 331 1.38 20.83 17.47
N PHE A 332 2.08 21.31 16.44
CA PHE A 332 3.55 21.19 16.44
C PHE A 332 4.15 21.99 17.59
N HIS A 333 3.66 23.19 17.84
CA HIS A 333 4.11 23.97 18.99
C HIS A 333 3.95 23.17 20.29
N ASP A 334 2.74 22.67 20.53
CA ASP A 334 2.47 21.95 21.77
C ASP A 334 3.31 20.68 21.86
N GLY A 335 3.45 19.96 20.76
CA GLY A 335 4.22 18.73 20.79
C GLY A 335 5.69 18.98 21.08
N LEU A 336 6.27 20.02 20.50
CA LEU A 336 7.66 20.32 20.77
C LEU A 336 7.85 20.78 22.21
N LEU A 337 6.90 21.55 22.75
CA LEU A 337 7.00 21.94 24.15
C LEU A 337 6.88 20.74 25.07
N LEU A 338 5.97 19.82 24.76
CA LEU A 338 5.82 18.60 25.55
C LEU A 338 7.09 17.77 25.50
N TYR A 339 7.70 17.64 24.33
CA TYR A 339 8.95 16.90 24.22
C TYR A 339 10.02 17.55 25.06
N ILE A 340 10.13 18.88 25.03
CA ILE A 340 11.18 19.55 25.79
C ILE A 340 10.96 19.38 27.29
N GLN A 341 9.70 19.44 27.74
CA GLN A 341 9.43 19.29 29.15
C GLN A 341 9.67 17.87 29.61
N ALA A 342 9.41 16.87 28.76
CA ALA A 342 9.71 15.48 29.09
C ALA A 342 11.19 15.17 29.01
N VAL A 343 11.95 15.91 28.21
CA VAL A 343 13.41 15.76 28.18
C VAL A 343 14.09 16.45 29.34
N THR A 344 13.44 17.46 29.94
CA THR A 344 13.99 18.02 31.16
C THR A 344 13.90 17.03 32.31
N GLU A 345 12.78 16.33 32.43
CA GLU A 345 12.61 15.37 33.52
C GLU A 345 13.51 14.17 33.37
N THR A 346 13.88 13.82 32.14
CA THR A 346 14.78 12.70 31.93
C THR A 346 16.19 13.05 32.36
N LEU A 347 16.58 14.31 32.21
CA LEU A 347 17.87 14.78 32.70
C LEU A 347 17.87 14.94 34.22
N ALA A 348 16.79 15.51 34.76
CA ALA A 348 16.70 15.70 36.20
C ALA A 348 16.76 14.39 36.96
N HIS A 349 16.45 13.28 36.31
CA HIS A 349 16.45 11.97 36.94
C HIS A 349 17.75 11.21 36.71
N GLY A 350 18.76 11.86 36.15
CA GLY A 350 20.02 11.21 35.86
C GLY A 350 20.05 10.46 34.54
N GLY A 351 19.19 10.82 33.59
CA GLY A 351 19.15 10.19 32.30
C GLY A 351 20.05 10.89 31.31
N THR A 352 19.73 10.70 30.02
CA THR A 352 20.47 11.31 28.93
C THR A 352 19.48 11.87 27.92
N VAL A 353 19.93 12.88 27.17
CA VAL A 353 19.06 13.48 26.16
C VAL A 353 18.84 12.53 25.00
N THR A 354 19.61 11.45 24.90
CA THR A 354 19.54 10.51 23.79
C THR A 354 18.97 9.15 24.20
N ASP A 355 18.17 9.09 25.27
CA ASP A 355 17.50 7.84 25.60
C ASP A 355 16.52 7.44 24.51
N GLY A 356 15.62 8.34 24.14
CA GLY A 356 14.61 8.01 23.17
C GLY A 356 13.50 7.17 23.80
N GLU A 357 13.86 6.01 24.34
CA GLU A 357 12.85 5.10 24.88
C GLU A 357 12.28 5.60 26.19
N ASN A 358 13.11 6.14 27.08
CA ASN A 358 12.62 6.65 28.35
C ASN A 358 11.94 8.00 28.20
N ILE A 359 12.34 8.79 27.20
CA ILE A 359 11.72 10.10 27.02
C ILE A 359 10.26 9.95 26.60
N THR A 360 10.00 9.05 25.65
CA THR A 360 8.65 8.94 25.11
C THR A 360 7.66 8.47 26.16
N GLN A 361 8.04 7.51 26.99
CA GLN A 361 7.11 7.00 27.98
C GLN A 361 6.75 8.06 29.03
N ARG A 362 7.50 9.15 29.09
CA ARG A 362 7.12 10.32 29.88
C ARG A 362 6.25 11.28 29.10
N MET A 363 5.94 10.96 27.84
CA MET A 363 5.03 11.73 27.02
C MET A 363 3.70 11.05 26.80
N TRP A 364 3.65 9.73 26.90
CA TRP A 364 2.45 8.96 26.65
C TRP A 364 1.66 8.79 27.94
N ASN A 365 0.34 8.74 27.81
CA ASN A 365 -0.55 8.68 28.97
C ASN A 365 -0.28 9.87 29.89
N ARG A 366 -0.01 11.02 29.29
CA ARG A 366 0.27 12.25 30.01
C ARG A 366 -0.61 13.35 29.46
N SER A 367 -0.96 14.30 30.33
CA SER A 367 -1.85 15.41 30.00
C SER A 367 -1.09 16.71 30.22
N PHE A 368 -1.25 17.64 29.28
CA PHE A 368 -0.36 18.80 29.17
C PHE A 368 -1.17 20.02 28.79
N GLN A 369 -0.73 21.19 29.24
CA GLN A 369 -1.42 22.46 28.98
C GLN A 369 -0.68 23.21 27.89
N GLY A 370 -1.29 23.30 26.71
CA GLY A 370 -0.75 24.04 25.60
C GLY A 370 -1.72 25.10 25.10
N VAL A 371 -1.28 25.85 24.09
CA VAL A 371 -2.12 26.91 23.54
C VAL A 371 -3.43 26.33 23.04
N THR A 372 -3.39 25.16 22.41
CA THR A 372 -4.60 24.52 21.93
C THR A 372 -5.49 24.02 23.06
N GLY A 373 -4.99 23.99 24.30
CA GLY A 373 -5.78 23.59 25.44
C GLY A 373 -5.01 22.62 26.30
N TYR A 374 -5.76 21.82 27.06
CA TYR A 374 -5.19 20.83 27.98
C TYR A 374 -5.10 19.50 27.24
N LEU A 375 -3.93 19.21 26.69
CA LEU A 375 -3.74 18.02 25.87
C LEU A 375 -3.90 16.75 26.69
N LYS A 376 -4.01 15.64 25.97
CA LYS A 376 -4.04 14.32 26.58
C LYS A 376 -3.46 13.35 25.55
N ILE A 377 -2.22 12.94 25.76
CA ILE A 377 -1.56 11.98 24.89
C ILE A 377 -1.89 10.59 25.42
N ASP A 378 -2.76 9.87 24.72
CA ASP A 378 -3.23 8.60 25.23
C ASP A 378 -2.05 7.64 25.40
N SER A 379 -2.32 6.52 26.07
CA SER A 379 -1.25 5.60 26.46
C SER A 379 -0.58 4.94 25.27
N SER A 380 -1.18 5.01 24.08
CA SER A 380 -0.61 4.41 22.88
C SER A 380 0.14 5.40 22.02
N GLY A 381 0.31 6.64 22.48
CA GLY A 381 1.11 7.61 21.76
C GLY A 381 0.30 8.73 21.16
N ASP A 382 -0.85 8.41 20.60
CA ASP A 382 -1.64 9.41 19.90
C ASP A 382 -2.28 10.38 20.88
N ARG A 383 -2.73 11.52 20.35
CA ARG A 383 -3.33 12.57 21.16
C ARG A 383 -4.83 12.58 20.96
N GLU A 384 -5.59 12.70 22.06
CA GLU A 384 -7.06 12.61 22.06
C GLU A 384 -7.58 13.79 21.29
N THR A 385 -8.39 13.58 20.26
CA THR A 385 -8.82 14.63 19.35
C THR A 385 -10.27 15.01 19.65
N ASP A 386 -10.57 16.30 19.48
CA ASP A 386 -11.91 16.83 19.66
C ASP A 386 -12.47 17.20 18.30
N PHE A 387 -13.73 16.85 18.06
CA PHE A 387 -14.45 17.19 16.84
C PHE A 387 -15.73 17.92 17.20
N SER A 388 -16.31 18.58 16.21
CA SER A 388 -17.56 19.31 16.38
C SER A 388 -18.51 18.99 15.25
N LEU A 389 -19.80 19.06 15.55
CA LEU A 389 -20.85 18.75 14.59
C LEU A 389 -21.63 20.02 14.25
N TRP A 390 -21.77 20.30 12.96
CA TRP A 390 -22.48 21.46 12.46
C TRP A 390 -23.77 21.01 11.80
N ASP A 391 -24.84 21.78 12.00
CA ASP A 391 -26.08 21.54 11.28
C ASP A 391 -26.77 22.87 11.04
N MET A 392 -27.82 22.83 10.24
CA MET A 392 -28.46 24.03 9.70
C MET A 392 -29.51 24.56 10.68
N ASP A 393 -29.75 25.86 10.60
CA ASP A 393 -30.76 26.52 11.40
C ASP A 393 -31.98 26.77 10.54
N PRO A 394 -33.16 26.23 10.88
CA PRO A 394 -34.32 26.43 10.00
C PRO A 394 -34.69 27.89 9.83
N GLU A 395 -34.38 28.74 10.80
CA GLU A 395 -34.75 30.15 10.69
C GLU A 395 -34.09 30.79 9.47
N ASN A 396 -32.76 30.84 9.46
CA ASN A 396 -32.02 31.49 8.40
C ASN A 396 -31.26 30.52 7.50
N GLY A 397 -31.11 29.26 7.90
CA GLY A 397 -30.51 28.27 7.04
C GLY A 397 -29.00 28.28 7.01
N ALA A 398 -28.35 28.75 8.08
CA ALA A 398 -26.90 28.85 8.14
C ALA A 398 -26.36 27.84 9.13
N PHE A 399 -25.24 27.20 8.77
CA PHE A 399 -24.63 26.19 9.61
C PHE A 399 -23.87 26.84 10.76
N ARG A 400 -23.80 26.13 11.88
CA ARG A 400 -22.99 26.57 13.02
C ARG A 400 -22.73 25.33 13.87
N VAL A 401 -21.77 25.43 14.78
CA VAL A 401 -21.45 24.31 15.64
C VAL A 401 -22.62 24.07 16.59
N VAL A 402 -23.05 22.83 16.70
CA VAL A 402 -24.18 22.46 17.55
C VAL A 402 -23.81 21.44 18.61
N LEU A 403 -22.70 20.73 18.48
CA LEU A 403 -22.40 19.62 19.37
C LEU A 403 -20.91 19.35 19.32
N ASN A 404 -20.21 19.59 20.43
CA ASN A 404 -18.78 19.35 20.52
C ASN A 404 -18.51 18.03 21.23
N TYR A 405 -17.38 17.42 20.91
CA TYR A 405 -17.00 16.12 21.46
C TYR A 405 -15.63 16.25 22.09
N ASN A 406 -15.55 16.00 23.40
CA ASN A 406 -14.30 16.08 24.13
C ASN A 406 -13.63 14.71 24.09
N GLY A 407 -12.47 14.64 23.44
CA GLY A 407 -11.86 13.36 23.12
C GLY A 407 -11.23 12.64 24.28
N THR A 408 -11.02 13.30 25.41
CA THR A 408 -10.43 12.63 26.56
C THR A 408 -11.49 12.06 27.49
N SER A 409 -12.58 12.79 27.72
CA SER A 409 -13.70 12.28 28.49
C SER A 409 -14.69 11.49 27.66
N GLN A 410 -14.62 11.61 26.33
CA GLN A 410 -15.45 10.84 25.42
C GLN A 410 -16.93 11.04 25.71
N GLU A 411 -17.36 12.30 25.69
CA GLU A 411 -18.77 12.59 25.89
C GLU A 411 -19.15 13.84 25.10
N LEU A 412 -20.36 13.81 24.55
CA LEU A 412 -20.84 14.89 23.72
C LEU A 412 -21.34 16.03 24.59
N VAL A 413 -21.21 17.25 24.08
CA VAL A 413 -21.66 18.45 24.78
C VAL A 413 -22.42 19.32 23.81
N ALA A 414 -23.65 19.70 24.18
CA ALA A 414 -24.41 20.63 23.39
C ALA A 414 -23.82 22.03 23.54
N VAL A 415 -24.25 22.94 22.67
CA VAL A 415 -23.69 24.29 22.59
C VAL A 415 -24.82 25.29 22.76
N SER A 416 -24.73 26.13 23.79
CA SER A 416 -25.60 27.28 23.96
C SER A 416 -27.06 26.94 23.65
N GLY A 417 -27.50 25.80 24.16
CA GLY A 417 -28.86 25.37 23.97
C GLY A 417 -29.23 25.21 22.50
N ARG A 418 -28.35 24.56 21.73
CA ARG A 418 -28.61 24.26 20.34
C ARG A 418 -28.97 22.79 20.19
N LYS A 419 -30.09 22.52 19.54
CA LYS A 419 -30.57 21.17 19.31
C LYS A 419 -30.40 20.82 17.84
N LEU A 420 -29.97 19.59 17.57
CA LEU A 420 -29.82 19.15 16.20
C LEU A 420 -31.14 19.28 15.45
N ASN A 421 -31.08 19.80 14.23
CA ASN A 421 -32.27 20.09 13.44
C ASN A 421 -32.60 18.87 12.60
N TRP A 422 -33.45 18.00 13.14
CA TRP A 422 -33.94 16.85 12.39
C TRP A 422 -35.26 17.20 11.72
N PRO A 423 -35.44 16.90 10.43
CA PRO A 423 -36.71 17.25 9.79
C PRO A 423 -37.93 16.65 10.47
N LEU A 424 -37.80 15.45 11.05
CA LEU A 424 -38.89 14.80 11.74
C LEU A 424 -38.89 15.06 13.24
N GLY A 425 -37.87 15.73 13.77
CA GLY A 425 -37.73 15.96 15.18
C GLY A 425 -36.81 14.98 15.88
N TYR A 426 -36.74 13.75 15.40
CA TYR A 426 -35.87 12.71 15.94
C TYR A 426 -35.11 12.05 14.81
N PRO A 427 -33.94 11.49 15.09
CA PRO A 427 -33.11 10.95 14.02
C PRO A 427 -33.82 9.82 13.29
N PRO A 428 -33.64 9.70 11.98
CA PRO A 428 -34.20 8.57 11.26
C PRO A 428 -33.49 7.29 11.65
N PRO A 429 -34.19 6.15 11.64
CA PRO A 429 -33.51 4.87 11.89
C PRO A 429 -32.50 4.56 10.81
N ASP A 430 -31.54 3.71 11.16
CA ASP A 430 -30.55 3.25 10.20
C ASP A 430 -31.00 2.04 9.39
N ILE A 431 -32.21 1.53 9.65
CA ILE A 431 -32.84 0.54 8.79
C ILE A 431 -34.31 0.90 8.66
N PRO A 432 -34.85 1.08 7.45
CA PRO A 432 -36.25 1.48 7.33
C PRO A 432 -37.19 0.45 7.94
N LYS A 433 -38.45 0.84 8.05
CA LYS A 433 -39.47 -0.08 8.57
C LYS A 433 -39.49 -1.36 7.75
N CYS A 434 -39.57 -1.24 6.43
CA CYS A 434 -39.44 -2.37 5.53
C CYS A 434 -37.98 -2.40 5.09
N GLY A 435 -37.18 -3.24 5.75
CA GLY A 435 -35.76 -3.28 5.50
C GLY A 435 -35.43 -3.43 4.04
N PHE A 436 -34.55 -2.57 3.54
CA PHE A 436 -34.11 -2.63 2.15
C PHE A 436 -33.65 -4.03 1.77
N GLY B 12 40.18 -0.80 -14.45
CA GLY B 12 39.54 -0.44 -13.15
C GLY B 12 38.79 -1.60 -12.54
N ASN B 13 37.91 -1.29 -11.58
CA ASN B 13 37.09 -2.30 -10.92
C ASN B 13 35.63 -1.91 -11.03
N LEU B 14 34.76 -2.92 -11.17
CA LEU B 14 33.32 -2.72 -11.30
C LEU B 14 32.64 -3.37 -10.11
N THR B 15 32.18 -2.54 -9.17
CA THR B 15 31.53 -3.04 -7.96
C THR B 15 30.07 -3.32 -8.22
N VAL B 16 29.58 -4.42 -7.64
CA VAL B 16 28.20 -4.85 -7.78
C VAL B 16 27.63 -5.01 -6.38
N ALA B 17 26.61 -4.23 -6.05
CA ALA B 17 26.05 -4.24 -4.71
C ALA B 17 24.86 -5.19 -4.65
N VAL B 18 24.86 -6.06 -3.64
CA VAL B 18 23.86 -7.11 -3.50
C VAL B 18 23.02 -6.80 -2.26
N VAL B 19 21.70 -6.82 -2.44
CA VAL B 19 20.75 -6.65 -1.33
C VAL B 19 19.78 -7.81 -1.41
N LEU B 20 20.09 -8.90 -0.71
CA LEU B 20 19.28 -10.11 -0.70
C LEU B 20 19.31 -10.71 0.69
N PRO B 21 18.45 -11.68 1.00
CA PRO B 21 18.52 -12.32 2.33
C PRO B 21 19.76 -13.17 2.49
N LEU B 22 20.70 -12.72 3.30
CA LEU B 22 21.99 -13.38 3.42
C LEU B 22 22.00 -14.51 4.43
N ALA B 23 20.91 -14.72 5.17
CA ALA B 23 20.86 -15.73 6.22
C ALA B 23 19.62 -16.59 6.20
N ASN B 24 18.57 -16.23 5.46
CA ASN B 24 17.33 -16.97 5.42
C ASN B 24 17.27 -17.68 4.07
N THR B 25 17.27 -19.01 4.11
CA THR B 25 17.38 -19.83 2.90
C THR B 25 16.04 -20.38 2.46
N SER B 26 14.97 -19.62 2.63
CA SER B 26 13.62 -20.07 2.28
C SER B 26 12.97 -19.23 1.20
N TYR B 27 13.68 -18.32 0.62
CA TYR B 27 13.17 -17.49 -0.46
C TYR B 27 13.74 -17.95 -1.78
N PRO B 28 12.99 -17.86 -2.87
CA PRO B 28 13.60 -18.18 -4.17
C PRO B 28 14.82 -17.36 -4.47
N TRP B 29 14.79 -16.09 -4.09
CA TRP B 29 15.89 -15.15 -4.30
C TRP B 29 16.70 -14.98 -3.02
N SER B 30 17.21 -16.09 -2.50
CA SER B 30 17.98 -16.08 -1.27
C SER B 30 19.44 -16.31 -1.61
N TRP B 31 20.32 -15.49 -1.03
CA TRP B 31 21.73 -15.57 -1.34
C TRP B 31 22.27 -16.98 -1.24
N ALA B 32 21.59 -17.86 -0.51
CA ALA B 32 21.98 -19.27 -0.49
C ALA B 32 21.82 -19.90 -1.86
N ARG B 33 20.75 -19.53 -2.57
CA ARG B 33 20.50 -20.03 -3.92
C ARG B 33 21.14 -19.15 -4.99
N VAL B 34 20.85 -17.85 -4.95
CA VAL B 34 21.40 -16.92 -5.92
C VAL B 34 22.91 -16.77 -5.78
N GLY B 35 23.46 -17.07 -4.60
CA GLY B 35 24.85 -16.82 -4.34
C GLY B 35 25.79 -17.53 -5.30
N PRO B 36 25.63 -18.85 -5.46
CA PRO B 36 26.44 -19.56 -6.46
C PRO B 36 26.02 -19.26 -7.88
N ALA B 37 24.82 -18.74 -8.11
CA ALA B 37 24.40 -18.41 -9.46
C ALA B 37 25.19 -17.24 -10.02
N VAL B 38 25.43 -16.22 -9.20
CA VAL B 38 26.22 -15.08 -9.66
C VAL B 38 27.71 -15.39 -9.62
N GLU B 39 28.12 -16.41 -8.86
CA GLU B 39 29.51 -16.83 -8.87
C GLU B 39 29.86 -17.58 -10.14
N LEU B 40 28.90 -18.32 -10.70
CA LEU B 40 29.11 -18.93 -12.01
C LEU B 40 29.15 -17.86 -13.11
N ALA B 41 28.39 -16.79 -12.95
CA ALA B 41 28.42 -15.71 -13.94
C ALA B 41 29.76 -14.97 -13.89
N LEU B 42 30.22 -14.61 -12.69
CA LEU B 42 31.47 -13.87 -12.58
C LEU B 42 32.67 -14.75 -12.88
N ALA B 43 32.53 -16.07 -12.78
CA ALA B 43 33.59 -16.98 -13.18
C ALA B 43 33.64 -17.20 -14.68
N GLN B 44 32.64 -16.71 -15.41
CA GLN B 44 32.58 -16.83 -16.86
C GLN B 44 33.10 -15.60 -17.59
N VAL B 45 32.87 -14.40 -17.05
CA VAL B 45 33.48 -13.22 -17.65
C VAL B 45 34.98 -13.29 -17.54
N LYS B 46 35.50 -13.88 -16.46
CA LYS B 46 36.94 -14.07 -16.34
C LYS B 46 37.46 -15.02 -17.41
N ALA B 47 36.62 -15.92 -17.91
CA ALA B 47 37.00 -16.85 -18.95
C ALA B 47 36.69 -16.34 -20.34
N ARG B 48 36.17 -15.12 -20.46
CA ARG B 48 35.84 -14.53 -21.76
C ARG B 48 36.62 -13.24 -21.94
N PRO B 49 37.68 -13.23 -22.77
CA PRO B 49 38.37 -11.97 -23.04
C PRO B 49 37.49 -10.94 -23.73
N ASP B 50 36.38 -11.36 -24.34
CA ASP B 50 35.51 -10.47 -25.09
C ASP B 50 34.38 -9.89 -24.25
N LEU B 51 34.35 -10.17 -22.94
CA LEU B 51 33.40 -9.55 -22.03
C LEU B 51 34.17 -8.72 -21.01
N LEU B 52 34.08 -7.40 -21.13
CA LEU B 52 34.64 -6.51 -20.14
C LEU B 52 36.12 -6.84 -19.98
N PRO B 53 36.94 -6.58 -21.00
CA PRO B 53 38.26 -7.22 -21.06
C PRO B 53 39.22 -6.76 -19.97
N GLY B 54 39.40 -5.45 -19.83
CA GLY B 54 40.41 -4.93 -18.93
C GLY B 54 39.87 -4.45 -17.60
N TRP B 55 38.91 -5.18 -17.03
CA TRP B 55 38.32 -4.83 -15.74
C TRP B 55 38.16 -6.08 -14.90
N THR B 56 37.97 -5.87 -13.60
CA THR B 56 37.56 -6.91 -12.67
C THR B 56 36.18 -6.56 -12.13
N VAL B 57 35.57 -7.53 -11.45
CA VAL B 57 34.23 -7.38 -10.89
C VAL B 57 34.25 -7.82 -9.43
N ARG B 58 33.64 -7.03 -8.57
CA ARG B 58 33.59 -7.28 -7.14
C ARG B 58 32.14 -7.37 -6.68
N THR B 59 31.90 -8.11 -5.61
CA THR B 59 30.58 -8.23 -5.02
C THR B 59 30.65 -7.76 -3.57
N VAL B 60 29.74 -6.86 -3.20
CA VAL B 60 29.60 -6.39 -1.83
C VAL B 60 28.19 -6.69 -1.37
N LEU B 61 28.07 -7.38 -0.24
CA LEU B 61 26.80 -7.94 0.18
C LEU B 61 26.19 -7.10 1.30
N GLY B 62 24.95 -6.70 1.10
CA GLY B 62 24.13 -6.14 2.16
C GLY B 62 22.89 -7.00 2.32
N SER B 63 22.43 -7.14 3.55
CA SER B 63 21.28 -7.97 3.84
C SER B 63 20.01 -7.15 3.79
N SER B 64 18.91 -7.81 3.46
CA SER B 64 17.61 -7.16 3.40
C SER B 64 16.67 -7.81 4.40
N GLU B 65 17.16 -8.05 5.61
CA GLU B 65 16.47 -8.87 6.59
C GLU B 65 16.35 -8.15 7.91
N ASN B 66 15.23 -8.37 8.59
CA ASN B 66 15.03 -7.90 9.94
C ASN B 66 15.99 -8.65 10.88
N ALA B 67 15.93 -8.30 12.17
CA ALA B 67 16.49 -9.18 13.17
C ALA B 67 15.64 -10.42 13.37
N LEU B 68 14.37 -10.36 12.97
CA LEU B 68 13.49 -11.53 13.03
C LEU B 68 13.87 -12.56 11.99
N GLY B 69 14.43 -12.12 10.86
CA GLY B 69 14.92 -13.04 9.85
C GLY B 69 14.07 -13.08 8.61
N VAL B 70 13.38 -11.99 8.30
CA VAL B 70 12.50 -11.91 7.14
C VAL B 70 12.78 -10.63 6.37
N CYS B 71 12.44 -10.65 5.09
CA CYS B 71 12.52 -9.45 4.26
C CYS B 71 11.89 -8.28 5.00
N SER B 72 12.50 -7.11 4.88
CA SER B 72 11.94 -5.93 5.52
C SER B 72 12.10 -4.71 4.62
N ASP B 73 11.14 -3.80 4.75
CA ASP B 73 11.14 -2.53 4.03
C ASP B 73 11.81 -1.42 4.84
N THR B 74 12.44 -1.76 5.96
CA THR B 74 13.28 -0.84 6.71
C THR B 74 14.76 -1.23 6.70
N ALA B 75 15.07 -2.51 6.55
CA ALA B 75 16.46 -2.96 6.49
C ALA B 75 16.99 -2.98 5.06
N ALA B 76 16.13 -3.22 4.07
CA ALA B 76 16.59 -3.23 2.68
C ALA B 76 17.08 -1.85 2.24
N PRO B 77 16.27 -0.78 2.31
CA PRO B 77 16.79 0.54 1.92
C PRO B 77 17.95 1.00 2.77
N LEU B 78 17.98 0.67 4.06
CA LEU B 78 19.09 1.10 4.89
C LEU B 78 20.38 0.39 4.50
N ALA B 79 20.31 -0.90 4.20
CA ALA B 79 21.47 -1.61 3.68
C ALA B 79 21.92 -1.03 2.35
N ALA B 80 20.95 -0.69 1.48
CA ALA B 80 21.30 -0.10 0.20
C ALA B 80 22.01 1.23 0.38
N VAL B 81 21.54 2.05 1.32
CA VAL B 81 22.17 3.35 1.56
C VAL B 81 23.59 3.16 2.08
N ASP B 82 23.78 2.22 3.01
CA ASP B 82 25.13 1.96 3.52
C ASP B 82 26.06 1.49 2.41
N LEU B 83 25.58 0.58 1.56
CA LEU B 83 26.41 0.10 0.46
C LEU B 83 26.74 1.23 -0.50
N LYS B 84 25.75 2.06 -0.83
CA LYS B 84 25.95 3.14 -1.78
C LYS B 84 26.99 4.12 -1.28
N TRP B 85 26.95 4.45 0.01
CA TRP B 85 27.86 5.48 0.50
C TRP B 85 29.24 4.93 0.86
N GLU B 86 29.29 3.73 1.43
CA GLU B 86 30.58 3.13 1.75
C GLU B 86 31.34 2.75 0.48
N HIS B 87 30.67 2.06 -0.43
CA HIS B 87 31.21 1.69 -1.73
C HIS B 87 30.42 2.40 -2.80
N ASN B 88 31.10 2.82 -3.87
CA ASN B 88 30.37 3.40 -4.99
C ASN B 88 30.08 2.30 -6.01
N PRO B 89 28.86 1.76 -6.06
CA PRO B 89 28.59 0.64 -6.95
C PRO B 89 28.36 1.11 -8.38
N ALA B 90 28.38 0.14 -9.29
CA ALA B 90 27.95 0.37 -10.66
C ALA B 90 26.54 -0.15 -10.93
N VAL B 91 26.06 -1.07 -10.10
CA VAL B 91 24.74 -1.67 -10.28
C VAL B 91 24.33 -2.28 -8.96
N PHE B 92 23.02 -2.47 -8.77
CA PHE B 92 22.48 -3.16 -7.61
C PHE B 92 21.81 -4.44 -8.08
N LEU B 93 22.19 -5.57 -7.49
CA LEU B 93 21.48 -6.81 -7.79
C LEU B 93 20.12 -6.87 -7.13
N GLY B 94 19.80 -5.91 -6.28
CA GLY B 94 18.43 -5.59 -5.96
C GLY B 94 17.75 -6.64 -5.13
N PRO B 95 16.80 -6.23 -4.29
CA PRO B 95 16.04 -7.20 -3.52
C PRO B 95 15.05 -7.96 -4.39
N GLY B 96 14.47 -8.99 -3.80
CA GLY B 96 13.45 -9.76 -4.47
C GLY B 96 12.07 -9.50 -3.91
N CYS B 97 11.98 -9.38 -2.58
CA CYS B 97 10.69 -9.12 -1.95
C CYS B 97 10.16 -7.76 -2.41
N VAL B 98 8.88 -7.71 -2.77
CA VAL B 98 8.36 -6.50 -3.39
C VAL B 98 8.42 -5.33 -2.43
N TYR B 99 8.03 -5.55 -1.17
CA TYR B 99 8.02 -4.47 -0.19
C TYR B 99 9.41 -4.02 0.20
N ALA B 100 10.42 -4.86 -0.01
CA ALA B 100 11.80 -4.46 0.19
C ALA B 100 12.42 -3.86 -1.06
N ALA B 101 12.02 -4.33 -2.24
CA ALA B 101 12.60 -3.83 -3.48
C ALA B 101 12.05 -2.46 -3.87
N ALA B 102 10.82 -2.14 -3.49
CA ALA B 102 10.27 -0.84 -3.88
C ALA B 102 11.11 0.32 -3.37
N PRO B 103 11.39 0.46 -2.06
CA PRO B 103 12.23 1.57 -1.61
C PRO B 103 13.59 1.62 -2.27
N VAL B 104 14.25 0.48 -2.44
CA VAL B 104 15.56 0.48 -3.08
C VAL B 104 15.44 0.85 -4.54
N GLY B 105 14.39 0.39 -5.20
CA GLY B 105 14.17 0.80 -6.58
C GLY B 105 14.10 2.30 -6.72
N ARG B 106 13.32 2.95 -5.84
CA ARG B 106 13.22 4.40 -5.91
C ARG B 106 14.54 5.07 -5.57
N PHE B 107 15.25 4.56 -4.57
CA PHE B 107 16.54 5.15 -4.19
C PHE B 107 17.52 5.10 -5.34
N THR B 108 17.70 3.92 -5.95
CA THR B 108 18.65 3.79 -7.04
C THR B 108 18.20 4.55 -8.28
N ALA B 109 16.90 4.64 -8.53
CA ALA B 109 16.43 5.49 -9.62
C ALA B 109 16.82 6.93 -9.39
N HIS B 110 16.78 7.38 -8.13
CA HIS B 110 17.21 8.75 -7.84
C HIS B 110 18.72 8.89 -8.03
N TRP B 111 19.51 7.96 -7.49
CA TRP B 111 20.96 8.01 -7.67
C TRP B 111 21.38 7.72 -9.09
N ARG B 112 20.48 7.22 -9.93
CA ARG B 112 20.81 6.80 -11.30
C ARG B 112 21.87 5.69 -11.27
N VAL B 113 21.51 4.60 -10.61
CA VAL B 113 22.29 3.37 -10.62
C VAL B 113 21.35 2.25 -11.06
N PRO B 114 21.68 1.46 -12.07
CA PRO B 114 20.75 0.41 -12.51
C PRO B 114 20.48 -0.61 -11.41
N LEU B 115 19.29 -1.22 -11.49
CA LEU B 115 18.86 -2.22 -10.52
C LEU B 115 18.46 -3.47 -11.29
N LEU B 116 19.22 -4.55 -11.16
CA LEU B 116 18.85 -5.84 -11.71
C LEU B 116 18.20 -6.69 -10.63
N THR B 117 17.16 -7.41 -11.00
CA THR B 117 16.47 -8.24 -10.02
C THR B 117 15.58 -9.24 -10.75
N ALA B 118 15.74 -10.51 -10.42
CA ALA B 118 14.85 -11.56 -10.91
C ALA B 118 13.67 -11.79 -9.98
N GLY B 119 13.55 -11.00 -8.92
CA GLY B 119 12.37 -11.02 -8.07
C GLY B 119 11.51 -9.80 -8.32
N ALA B 120 10.94 -9.24 -7.25
CA ALA B 120 10.13 -8.04 -7.29
C ALA B 120 9.16 -8.08 -8.48
N PRO B 121 8.26 -9.06 -8.53
CA PRO B 121 7.40 -9.22 -9.70
C PRO B 121 6.17 -8.34 -9.70
N ALA B 122 5.96 -7.51 -8.67
CA ALA B 122 4.73 -6.76 -8.55
C ALA B 122 4.48 -5.92 -9.79
N LEU B 123 3.23 -5.46 -9.93
CA LEU B 123 2.84 -4.69 -11.10
C LEU B 123 3.36 -3.26 -11.05
N GLY B 124 3.53 -2.69 -9.86
CA GLY B 124 3.93 -1.30 -9.76
C GLY B 124 5.38 -1.03 -10.09
N PHE B 125 6.18 -2.08 -10.28
CA PHE B 125 7.58 -1.89 -10.63
C PHE B 125 7.79 -1.55 -12.09
N GLY B 126 6.74 -1.62 -12.90
CA GLY B 126 6.85 -1.39 -14.33
C GLY B 126 6.47 -0.01 -14.79
N VAL B 127 6.27 0.94 -13.88
CA VAL B 127 5.89 2.29 -14.28
C VAL B 127 7.00 2.91 -15.13
N LYS B 128 8.24 2.84 -14.64
CA LYS B 128 9.42 3.27 -15.38
C LYS B 128 9.46 4.78 -15.53
N ASP B 129 8.43 5.48 -15.08
CA ASP B 129 8.55 6.88 -14.75
C ASP B 129 8.95 7.07 -13.29
N GLU B 130 8.75 6.04 -12.47
CA GLU B 130 9.19 6.01 -11.08
C GLU B 130 10.39 5.10 -10.88
N TYR B 131 10.31 3.86 -11.33
CA TYR B 131 11.40 2.91 -11.24
C TYR B 131 12.26 2.92 -12.49
N ALA B 132 12.71 4.10 -12.89
CA ALA B 132 13.60 4.21 -14.03
C ALA B 132 14.90 3.48 -13.73
N LEU B 133 15.49 2.87 -14.75
CA LEU B 133 16.72 2.11 -14.60
C LEU B 133 16.51 0.92 -13.67
N THR B 134 15.51 0.11 -13.99
CA THR B 134 15.22 -1.13 -13.25
C THR B 134 14.92 -2.21 -14.28
N THR B 135 15.91 -3.06 -14.53
CA THR B 135 15.74 -4.18 -15.46
C THR B 135 15.34 -5.40 -14.66
N ARG B 136 14.18 -5.95 -14.96
CA ARG B 136 13.69 -7.19 -14.36
C ARG B 136 14.04 -8.32 -15.30
N ALA B 137 15.02 -9.12 -14.92
CA ALA B 137 15.47 -10.25 -15.74
C ALA B 137 14.72 -11.53 -15.43
N GLY B 138 13.77 -11.50 -14.51
CA GLY B 138 13.04 -12.68 -14.11
C GLY B 138 11.56 -12.53 -14.33
N PRO B 139 10.78 -13.51 -13.89
CA PRO B 139 9.34 -13.47 -14.12
C PRO B 139 8.68 -12.28 -13.44
N SER B 140 7.61 -11.79 -14.04
CA SER B 140 6.78 -10.74 -13.49
C SER B 140 5.32 -11.14 -13.63
N TYR B 141 4.52 -10.75 -12.64
CA TYR B 141 3.14 -11.21 -12.59
C TYR B 141 2.29 -10.62 -13.69
N ALA B 142 2.68 -9.48 -14.25
CA ALA B 142 1.92 -8.89 -15.35
C ALA B 142 1.92 -9.81 -16.56
N LYS B 143 3.05 -10.43 -16.85
CA LYS B 143 3.18 -11.29 -18.02
C LYS B 143 2.30 -12.52 -17.94
N LEU B 144 1.73 -12.82 -16.76
CA LEU B 144 0.77 -13.90 -16.66
C LEU B 144 -0.56 -13.53 -17.30
N GLY B 145 -0.91 -12.24 -17.28
CA GLY B 145 -2.10 -11.81 -17.96
C GLY B 145 -2.04 -12.03 -19.45
N ASP B 146 -0.86 -11.91 -20.05
CA ASP B 146 -0.71 -12.22 -21.47
C ASP B 146 -1.03 -13.68 -21.75
N PHE B 147 -0.51 -14.58 -20.91
CA PHE B 147 -0.78 -16.00 -21.10
C PHE B 147 -2.26 -16.28 -20.95
N VAL B 148 -2.90 -15.69 -19.94
CA VAL B 148 -4.33 -15.93 -19.73
C VAL B 148 -5.14 -15.38 -20.90
N ALA B 149 -4.76 -14.21 -21.42
CA ALA B 149 -5.47 -13.66 -22.56
C ALA B 149 -5.34 -14.55 -23.79
N ALA B 150 -4.14 -15.08 -24.01
CA ALA B 150 -3.96 -16.04 -25.10
C ALA B 150 -4.83 -17.27 -24.92
N LEU B 151 -4.89 -17.78 -23.68
CA LEU B 151 -5.76 -18.91 -23.38
C LEU B 151 -7.20 -18.60 -23.72
N HIS B 152 -7.68 -17.43 -23.32
CA HIS B 152 -9.07 -17.06 -23.58
C HIS B 152 -9.34 -16.94 -25.07
N ARG B 153 -8.44 -16.29 -25.80
CA ARG B 153 -8.63 -16.16 -27.24
C ARG B 153 -8.63 -17.52 -27.93
N ARG B 154 -7.80 -18.45 -27.44
CA ARG B 154 -7.74 -19.77 -28.07
C ARG B 154 -9.00 -20.57 -27.80
N LEU B 155 -9.46 -20.59 -26.55
CA LEU B 155 -10.57 -21.44 -26.16
C LEU B 155 -11.93 -20.76 -26.31
N GLY B 156 -11.97 -19.55 -26.84
CA GLY B 156 -13.20 -18.95 -27.31
C GLY B 156 -14.02 -18.20 -26.28
N TRP B 157 -13.62 -18.21 -25.01
CA TRP B 157 -14.33 -17.46 -23.98
C TRP B 157 -13.77 -16.05 -23.77
N GLU B 158 -14.57 -15.05 -24.14
CA GLU B 158 -14.13 -13.66 -24.12
C GLU B 158 -15.15 -12.76 -23.45
N ARG B 159 -15.93 -13.29 -22.50
CA ARG B 159 -16.95 -12.49 -21.85
C ARG B 159 -17.04 -12.49 -20.33
N GLN B 160 -16.34 -13.36 -19.61
CA GLN B 160 -16.34 -13.30 -18.16
C GLN B 160 -15.31 -14.24 -17.58
N ALA B 161 -14.86 -13.91 -16.37
CA ALA B 161 -13.96 -14.73 -15.58
C ALA B 161 -14.07 -14.28 -14.13
N LEU B 162 -13.64 -15.14 -13.22
CA LEU B 162 -13.61 -14.82 -11.79
C LEU B 162 -12.25 -15.21 -11.23
N MET B 163 -11.67 -14.33 -10.41
CA MET B 163 -10.36 -14.57 -9.82
C MET B 163 -10.46 -14.50 -8.31
N LEU B 164 -9.88 -15.49 -7.64
CA LEU B 164 -9.89 -15.57 -6.18
C LEU B 164 -8.46 -15.66 -5.70
N TYR B 165 -8.10 -14.85 -4.69
CA TYR B 165 -6.80 -14.92 -4.07
C TYR B 165 -6.98 -15.12 -2.57
N ALA B 166 -6.26 -16.09 -2.03
CA ALA B 166 -6.36 -16.43 -0.62
C ALA B 166 -5.39 -15.59 0.20
N TYR B 167 -5.78 -15.32 1.44
CA TYR B 167 -4.97 -14.53 2.36
C TYR B 167 -4.37 -15.44 3.42
N ARG B 168 -3.05 -15.32 3.61
CA ARG B 168 -2.35 -16.05 4.65
C ARG B 168 -1.46 -15.06 5.38
N PRO B 169 -1.47 -15.02 6.72
CA PRO B 169 -0.69 -13.99 7.43
C PRO B 169 0.79 -14.03 7.13
N GLY B 170 1.36 -15.21 6.91
CA GLY B 170 2.79 -15.34 6.74
C GLY B 170 3.31 -14.70 5.48
N ASP B 171 2.91 -15.22 4.33
CA ASP B 171 3.48 -14.76 3.06
C ASP B 171 3.18 -13.29 2.83
N GLU B 172 4.14 -12.60 2.21
CA GLU B 172 4.02 -11.16 1.98
C GLU B 172 3.03 -10.87 0.86
N GLU B 173 1.79 -11.29 1.09
CA GLU B 173 0.69 -11.02 0.18
C GLU B 173 1.04 -11.47 -1.24
N HIS B 174 1.55 -12.70 -1.35
CA HIS B 174 1.94 -13.22 -2.65
C HIS B 174 0.76 -13.30 -3.61
N CYS B 175 -0.35 -13.88 -3.15
CA CYS B 175 -1.48 -14.09 -4.04
C CYS B 175 -2.16 -12.78 -4.41
N PHE B 176 -2.17 -11.81 -3.50
CA PHE B 176 -2.75 -10.51 -3.83
C PHE B 176 -2.01 -9.90 -5.01
N PHE B 177 -0.68 -9.86 -4.95
CA PHE B 177 0.09 -9.27 -6.03
C PHE B 177 -0.05 -10.07 -7.33
N LEU B 178 -0.03 -11.40 -7.23
CA LEU B 178 -0.16 -12.21 -8.44
C LEU B 178 -1.49 -11.95 -9.14
N VAL B 179 -2.58 -11.97 -8.38
CA VAL B 179 -3.89 -11.77 -8.98
C VAL B 179 -4.06 -10.32 -9.43
N GLU B 180 -3.42 -9.36 -8.75
CA GLU B 180 -3.47 -7.98 -9.21
C GLU B 180 -2.83 -7.84 -10.58
N GLY B 181 -1.64 -8.43 -10.75
CA GLY B 181 -0.99 -8.35 -12.04
C GLY B 181 -1.81 -9.00 -13.14
N LEU B 182 -2.30 -10.22 -12.87
CA LEU B 182 -3.11 -10.91 -13.86
C LEU B 182 -4.36 -10.11 -14.19
N PHE B 183 -5.03 -9.58 -13.17
CA PHE B 183 -6.28 -8.85 -13.37
C PHE B 183 -6.07 -7.59 -14.21
N MET B 184 -5.09 -6.77 -13.85
CA MET B 184 -4.83 -5.55 -14.60
C MET B 184 -4.47 -5.85 -16.05
N ARG B 185 -3.57 -6.82 -16.26
CA ARG B 185 -3.14 -7.07 -17.62
C ARG B 185 -4.26 -7.67 -18.46
N VAL B 186 -5.06 -8.57 -17.90
CA VAL B 186 -6.19 -9.12 -18.64
C VAL B 186 -7.17 -8.03 -18.97
N ARG B 187 -7.48 -7.16 -18.01
CA ARG B 187 -8.41 -6.07 -18.27
C ARG B 187 -7.92 -5.17 -19.39
N ASP B 188 -6.59 -5.00 -19.51
CA ASP B 188 -6.07 -4.21 -20.61
C ASP B 188 -6.08 -4.96 -21.94
N ARG B 189 -5.89 -6.28 -21.92
CA ARG B 189 -5.79 -7.05 -23.15
C ARG B 189 -7.13 -7.52 -23.70
N LEU B 190 -8.15 -7.67 -22.86
CA LEU B 190 -9.43 -8.22 -23.29
C LEU B 190 -10.56 -7.32 -22.82
N ASN B 191 -11.53 -7.08 -23.70
CA ASN B 191 -12.74 -6.35 -23.33
C ASN B 191 -13.69 -7.28 -22.57
N ILE B 192 -13.20 -7.75 -21.42
CA ILE B 192 -13.84 -8.79 -20.63
C ILE B 192 -14.11 -8.25 -19.25
N THR B 193 -15.26 -8.61 -18.68
CA THR B 193 -15.63 -8.21 -17.34
C THR B 193 -15.23 -9.32 -16.37
N VAL B 194 -14.43 -8.97 -15.37
CA VAL B 194 -13.90 -9.93 -14.41
C VAL B 194 -14.29 -9.47 -13.01
N ASP B 195 -14.48 -10.43 -12.12
CA ASP B 195 -14.69 -10.18 -10.71
C ASP B 195 -13.50 -10.68 -9.92
N HIS B 196 -13.36 -10.16 -8.70
CA HIS B 196 -12.30 -10.56 -7.80
C HIS B 196 -12.89 -10.78 -6.41
N LEU B 197 -12.21 -11.63 -5.63
CA LEU B 197 -12.66 -11.90 -4.28
C LEU B 197 -11.50 -12.46 -3.48
N GLU B 198 -11.53 -12.20 -2.17
CA GLU B 198 -10.51 -12.67 -1.25
C GLU B 198 -11.16 -13.54 -0.19
N PHE B 199 -10.53 -14.66 0.12
CA PHE B 199 -11.00 -15.55 1.17
C PHE B 199 -9.82 -15.92 2.07
N ALA B 200 -10.09 -16.04 3.36
CA ALA B 200 -9.05 -16.44 4.29
C ALA B 200 -8.61 -17.87 4.00
N GLU B 201 -7.37 -18.16 4.33
CA GLU B 201 -6.74 -19.42 3.96
C GLU B 201 -7.01 -20.54 4.96
N ASP B 202 -7.31 -20.20 6.22
CA ASP B 202 -7.26 -21.17 7.30
C ASP B 202 -8.57 -21.30 8.08
N ASP B 203 -9.71 -20.99 7.45
CA ASP B 203 -11.01 -21.23 8.07
C ASP B 203 -11.96 -21.85 7.05
N LEU B 204 -12.95 -22.58 7.55
CA LEU B 204 -13.87 -23.32 6.69
C LEU B 204 -15.13 -22.54 6.34
N SER B 205 -15.55 -21.59 7.18
CA SER B 205 -16.71 -20.78 6.83
C SER B 205 -16.48 -20.04 5.53
N HIS B 206 -15.27 -19.55 5.31
CA HIS B 206 -14.96 -18.85 4.07
C HIS B 206 -15.12 -19.76 2.87
N TYR B 207 -14.64 -21.01 2.96
CA TYR B 207 -14.79 -21.93 1.85
C TYR B 207 -16.26 -22.20 1.55
N THR B 208 -17.06 -22.40 2.60
CA THR B 208 -18.47 -22.70 2.39
C THR B 208 -19.18 -21.53 1.73
N ARG B 209 -18.97 -20.32 2.23
CA ARG B 209 -19.60 -19.16 1.61
C ARG B 209 -19.09 -18.94 0.20
N LEU B 210 -17.81 -19.25 -0.05
CA LEU B 210 -17.23 -19.11 -1.37
C LEU B 210 -17.90 -20.04 -2.36
N LEU B 211 -18.07 -21.31 -1.97
CA LEU B 211 -18.77 -22.26 -2.85
C LEU B 211 -20.23 -21.89 -3.01
N ARG B 212 -20.84 -21.33 -1.98
CA ARG B 212 -22.24 -20.93 -2.09
C ARG B 212 -22.43 -19.77 -3.06
N THR B 213 -21.46 -18.84 -3.09
CA THR B 213 -21.58 -17.65 -3.94
C THR B 213 -20.72 -17.72 -5.20
N MET B 214 -20.16 -18.87 -5.53
CA MET B 214 -19.37 -19.01 -6.75
C MET B 214 -20.26 -19.22 -7.97
N PRO B 215 -21.28 -20.08 -7.91
CA PRO B 215 -22.14 -20.29 -9.09
C PRO B 215 -22.81 -19.02 -9.60
N ARG B 216 -22.80 -17.93 -8.84
CA ARG B 216 -23.50 -16.72 -9.22
C ARG B 216 -22.58 -15.64 -9.81
N LYS B 217 -21.28 -15.90 -9.92
CA LYS B 217 -20.35 -14.87 -10.36
C LYS B 217 -19.38 -15.32 -11.46
N GLY B 218 -19.42 -16.56 -11.88
CA GLY B 218 -18.57 -16.99 -12.98
C GLY B 218 -18.49 -18.49 -13.09
N ARG B 219 -18.04 -18.94 -14.26
CA ARG B 219 -17.80 -20.35 -14.53
C ARG B 219 -16.32 -20.67 -14.74
N VAL B 220 -15.51 -19.69 -15.13
CA VAL B 220 -14.08 -19.86 -15.30
C VAL B 220 -13.41 -19.17 -14.12
N ILE B 221 -12.81 -19.95 -13.23
CA ILE B 221 -12.30 -19.45 -11.96
C ILE B 221 -10.79 -19.62 -11.93
N TYR B 222 -10.09 -18.59 -11.49
CA TYR B 222 -8.65 -18.63 -11.28
C TYR B 222 -8.40 -18.50 -9.79
N ILE B 223 -7.68 -19.46 -9.22
CA ILE B 223 -7.48 -19.55 -7.77
C ILE B 223 -5.99 -19.45 -7.47
N CYS B 224 -5.62 -18.50 -6.63
CA CYS B 224 -4.28 -18.42 -6.09
C CYS B 224 -4.38 -18.74 -4.60
N SER B 225 -3.80 -19.87 -4.21
CA SER B 225 -3.88 -20.35 -2.84
C SER B 225 -2.80 -21.38 -2.63
N SER B 226 -2.79 -21.98 -1.45
CA SER B 226 -1.80 -22.99 -1.14
C SER B 226 -2.11 -24.28 -1.90
N PRO B 227 -1.10 -25.13 -2.10
CA PRO B 227 -1.34 -26.38 -2.82
C PRO B 227 -2.35 -27.30 -2.13
N ASP B 228 -2.45 -27.23 -0.81
CA ASP B 228 -3.36 -28.08 -0.05
C ASP B 228 -4.66 -27.38 0.33
N ALA B 229 -4.84 -26.12 -0.07
CA ALA B 229 -6.13 -25.44 0.10
C ALA B 229 -6.92 -25.36 -1.19
N PHE B 230 -6.28 -25.61 -2.34
CA PHE B 230 -7.00 -25.79 -3.58
C PHE B 230 -7.55 -27.20 -3.72
N ARG B 231 -7.07 -28.14 -2.90
CA ARG B 231 -7.59 -29.49 -2.92
C ARG B 231 -8.77 -29.66 -1.97
N THR B 232 -8.83 -28.90 -0.89
CA THR B 232 -10.02 -28.89 -0.05
C THR B 232 -11.12 -28.04 -0.65
N LEU B 233 -10.79 -27.15 -1.57
CA LEU B 233 -11.81 -26.45 -2.36
C LEU B 233 -12.36 -27.35 -3.44
N MET B 234 -11.51 -28.20 -4.03
CA MET B 234 -11.96 -29.08 -5.10
C MET B 234 -12.82 -30.21 -4.55
N LEU B 235 -12.61 -30.60 -3.29
CA LEU B 235 -13.45 -31.61 -2.68
C LEU B 235 -14.84 -31.06 -2.38
N LEU B 236 -14.92 -29.85 -1.83
CA LEU B 236 -16.22 -29.25 -1.55
C LEU B 236 -16.99 -28.97 -2.84
N ALA B 237 -16.30 -28.51 -3.88
CA ALA B 237 -16.98 -28.26 -5.16
C ALA B 237 -17.57 -29.55 -5.71
N LEU B 238 -16.84 -30.65 -5.61
CA LEU B 238 -17.38 -31.93 -6.05
C LEU B 238 -18.59 -32.34 -5.23
N GLU B 239 -18.53 -32.12 -3.91
CA GLU B 239 -19.66 -32.47 -3.05
C GLU B 239 -20.87 -31.59 -3.29
N ALA B 240 -20.68 -30.39 -3.83
CA ALA B 240 -21.78 -29.46 -4.08
C ALA B 240 -22.30 -29.53 -5.50
N GLY B 241 -21.86 -30.51 -6.29
CA GLY B 241 -22.38 -30.69 -7.63
C GLY B 241 -21.74 -29.82 -8.69
N LEU B 242 -20.69 -29.08 -8.37
CA LEU B 242 -20.00 -28.24 -9.35
C LEU B 242 -19.06 -29.10 -10.18
N CYS B 243 -19.66 -29.97 -10.98
CA CYS B 243 -18.87 -30.88 -11.80
C CYS B 243 -18.10 -30.11 -12.86
N GLY B 244 -17.24 -30.84 -13.58
CA GLY B 244 -16.41 -30.25 -14.61
C GLY B 244 -17.11 -29.98 -15.92
N GLU B 245 -18.38 -30.35 -16.04
CA GLU B 245 -19.12 -30.05 -17.26
C GLU B 245 -19.24 -28.54 -17.44
N ASP B 246 -19.45 -27.82 -16.36
CA ASP B 246 -19.77 -26.39 -16.41
C ASP B 246 -18.60 -25.50 -16.06
N TYR B 247 -17.70 -25.95 -15.20
CA TYR B 247 -16.68 -25.11 -14.60
C TYR B 247 -15.29 -25.54 -15.03
N VAL B 248 -14.36 -24.58 -14.99
CA VAL B 248 -12.94 -24.85 -15.09
C VAL B 248 -12.28 -24.10 -13.95
N PHE B 249 -11.41 -24.78 -13.21
CA PHE B 249 -10.70 -24.20 -12.08
C PHE B 249 -9.23 -24.19 -12.39
N PHE B 250 -8.66 -23.00 -12.57
CA PHE B 250 -7.25 -22.83 -12.86
C PHE B 250 -6.51 -22.51 -11.58
N HIS B 251 -5.53 -23.32 -11.24
CA HIS B 251 -4.71 -23.11 -10.06
C HIS B 251 -3.43 -22.41 -10.49
N LEU B 252 -3.30 -21.14 -10.12
CA LEU B 252 -2.11 -20.35 -10.47
C LEU B 252 -0.98 -20.72 -9.51
N ASP B 253 -0.38 -21.87 -9.78
CA ASP B 253 0.75 -22.38 -9.00
C ASP B 253 2.03 -22.13 -9.80
N ILE B 254 2.55 -20.91 -9.70
CA ILE B 254 3.61 -20.50 -10.61
C ILE B 254 4.86 -21.33 -10.40
N PHE B 255 5.17 -21.70 -9.16
CA PHE B 255 6.39 -22.42 -8.84
C PHE B 255 6.17 -23.91 -8.69
N GLY B 256 4.98 -24.40 -9.02
CA GLY B 256 4.72 -25.83 -9.03
C GLY B 256 4.85 -26.52 -7.69
N GLN B 257 4.35 -25.90 -6.61
CA GLN B 257 4.37 -26.58 -5.32
C GLN B 257 3.47 -27.80 -5.32
N SER B 258 2.30 -27.71 -5.96
CA SER B 258 1.37 -28.83 -5.97
C SER B 258 1.88 -29.99 -6.81
N LEU B 259 2.99 -29.82 -7.53
CA LEU B 259 3.52 -30.82 -8.44
C LEU B 259 4.95 -31.21 -8.07
N GLN B 260 5.28 -31.16 -6.79
CA GLN B 260 6.63 -31.48 -6.32
C GLN B 260 7.70 -30.65 -7.02
N GLY B 261 7.31 -29.51 -7.59
CA GLY B 261 8.23 -28.68 -8.33
C GLY B 261 7.90 -28.60 -9.80
N GLY B 262 7.50 -29.71 -10.40
CA GLY B 262 7.21 -29.73 -11.82
C GLY B 262 8.41 -29.49 -12.70
N GLN B 263 9.56 -30.03 -12.32
CA GLN B 263 10.80 -29.86 -13.08
C GLN B 263 11.10 -31.04 -13.98
N GLY B 264 10.23 -32.05 -14.03
CA GLY B 264 10.51 -33.25 -14.78
C GLY B 264 9.32 -33.75 -15.57
N PRO B 265 9.51 -34.84 -16.31
CA PRO B 265 8.43 -35.42 -17.12
C PRO B 265 7.63 -36.52 -16.43
N ALA B 266 7.81 -36.74 -15.13
CA ALA B 266 7.12 -37.81 -14.43
C ALA B 266 5.67 -37.43 -14.14
N PRO B 267 4.80 -38.42 -13.94
CA PRO B 267 3.43 -38.13 -13.50
C PRO B 267 3.41 -37.55 -12.10
N ARG B 268 2.40 -36.73 -11.82
CA ARG B 268 2.39 -35.91 -10.61
C ARG B 268 1.33 -36.29 -9.60
N ARG B 269 0.06 -36.41 -10.01
CA ARG B 269 -0.99 -36.74 -9.05
C ARG B 269 -1.05 -35.72 -7.93
N PRO B 270 -1.44 -34.47 -8.21
CA PRO B 270 -1.55 -33.48 -7.13
C PRO B 270 -2.71 -33.73 -6.19
N TRP B 271 -3.66 -34.58 -6.56
CA TRP B 271 -4.83 -34.86 -5.75
C TRP B 271 -4.63 -36.01 -4.79
N GLU B 272 -3.41 -36.54 -4.69
CA GLU B 272 -3.13 -37.74 -3.91
C GLU B 272 -2.52 -37.35 -2.57
N ARG B 273 -3.19 -37.72 -1.48
CA ARG B 273 -2.65 -37.58 -0.14
C ARG B 273 -2.79 -38.85 0.70
N GLY B 274 -3.58 -39.83 0.26
CA GLY B 274 -3.75 -41.05 1.02
C GLY B 274 -4.36 -40.83 2.40
N ASP B 275 -5.29 -39.90 2.51
CA ASP B 275 -5.92 -39.57 3.79
C ASP B 275 -7.32 -40.17 3.93
N GLY B 276 -7.70 -41.08 3.05
CA GLY B 276 -8.99 -41.73 3.11
C GLY B 276 -10.02 -41.19 2.13
N GLN B 277 -9.81 -39.99 1.61
CA GLN B 277 -10.68 -39.40 0.60
C GLN B 277 -9.88 -39.09 -0.66
N ASP B 278 -9.03 -40.02 -1.06
CA ASP B 278 -8.20 -39.88 -2.23
C ASP B 278 -8.87 -40.39 -3.50
N VAL B 279 -10.07 -40.94 -3.39
CA VAL B 279 -10.83 -41.38 -4.56
C VAL B 279 -11.69 -40.24 -5.10
N SER B 280 -12.40 -39.55 -4.22
CA SER B 280 -13.22 -38.44 -4.64
C SER B 280 -12.37 -37.30 -5.19
N ALA B 281 -11.14 -37.13 -4.69
CA ALA B 281 -10.28 -36.07 -5.16
C ALA B 281 -9.83 -36.27 -6.60
N ARG B 282 -9.81 -37.52 -7.09
CA ARG B 282 -9.37 -37.74 -8.46
C ARG B 282 -10.41 -37.25 -9.47
N GLN B 283 -11.70 -37.44 -9.17
CA GLN B 283 -12.73 -36.87 -10.02
C GLN B 283 -13.06 -35.43 -9.65
N ALA B 284 -12.56 -34.95 -8.51
CA ALA B 284 -12.64 -33.53 -8.23
C ALA B 284 -11.62 -32.75 -9.05
N PHE B 285 -10.46 -33.35 -9.30
CA PHE B 285 -9.43 -32.70 -10.09
C PHE B 285 -9.61 -32.88 -11.59
N GLN B 286 -10.64 -33.60 -12.03
CA GLN B 286 -10.91 -33.69 -13.46
C GLN B 286 -11.42 -32.38 -14.03
N ALA B 287 -11.82 -31.44 -13.19
CA ALA B 287 -12.28 -30.13 -13.62
C ALA B 287 -11.25 -29.04 -13.37
N ALA B 288 -10.02 -29.40 -13.03
CA ALA B 288 -9.00 -28.45 -12.61
C ALA B 288 -7.79 -28.53 -13.53
N LYS B 289 -7.30 -27.36 -13.95
CA LYS B 289 -6.03 -27.22 -14.64
C LYS B 289 -5.08 -26.43 -13.75
N ILE B 290 -3.79 -26.53 -14.04
CA ILE B 290 -2.75 -25.90 -13.24
C ILE B 290 -1.85 -25.08 -14.15
N ILE B 291 -1.49 -23.88 -13.70
CA ILE B 291 -0.68 -22.94 -14.47
C ILE B 291 0.61 -22.70 -13.69
N THR B 292 1.74 -23.06 -14.30
CA THR B 292 3.04 -22.93 -13.67
C THR B 292 3.94 -22.11 -14.60
N TYR B 293 5.16 -21.86 -14.15
CA TYR B 293 6.17 -21.34 -15.06
C TYR B 293 6.64 -22.46 -15.98
N LYS B 294 7.34 -22.09 -17.05
CA LYS B 294 7.85 -23.04 -18.02
C LYS B 294 9.29 -23.40 -17.67
N ASP B 295 9.55 -24.68 -17.48
CA ASP B 295 10.89 -25.14 -17.20
C ASP B 295 11.70 -25.18 -18.49
N PRO B 296 12.86 -24.52 -18.55
CA PRO B 296 13.64 -24.54 -19.80
C PRO B 296 13.97 -25.95 -20.24
N ASP B 297 13.92 -26.17 -21.55
CA ASP B 297 14.14 -27.48 -22.15
C ASP B 297 15.50 -27.61 -22.83
N ASN B 298 16.42 -26.68 -22.58
CA ASN B 298 17.71 -26.77 -23.24
C ASN B 298 18.72 -27.49 -22.36
N PRO B 299 19.67 -28.22 -22.94
CA PRO B 299 20.63 -28.96 -22.10
C PRO B 299 21.48 -28.06 -21.21
N GLU B 300 21.80 -26.85 -21.66
CA GLU B 300 22.64 -25.98 -20.85
C GLU B 300 21.98 -25.64 -19.52
N TYR B 301 20.65 -25.56 -19.49
CA TYR B 301 19.98 -25.34 -18.22
C TYR B 301 20.22 -26.49 -17.26
N LEU B 302 20.16 -27.72 -17.76
CA LEU B 302 20.41 -28.88 -16.90
C LEU B 302 21.85 -28.92 -16.41
N GLU B 303 22.80 -28.62 -17.30
CA GLU B 303 24.20 -28.57 -16.87
C GLU B 303 24.40 -27.48 -15.83
N PHE B 304 23.77 -26.32 -16.03
CA PHE B 304 23.88 -25.21 -15.09
C PHE B 304 23.29 -25.59 -13.74
N LEU B 305 22.15 -26.28 -13.72
CA LEU B 305 21.60 -26.75 -12.46
C LEU B 305 22.55 -27.72 -11.78
N LYS B 306 23.15 -28.62 -12.55
CA LYS B 306 24.07 -29.59 -11.97
C LYS B 306 25.25 -28.89 -11.31
N GLN B 307 25.80 -27.87 -11.95
CA GLN B 307 26.90 -27.12 -11.34
C GLN B 307 26.42 -26.29 -10.14
N LEU B 308 25.23 -25.68 -10.27
CA LEU B 308 24.73 -24.76 -9.26
C LEU B 308 24.45 -25.48 -7.96
N LYS B 309 23.86 -26.68 -8.02
CA LYS B 309 23.52 -27.36 -6.78
C LYS B 309 24.78 -27.86 -6.07
N HIS B 310 25.76 -28.34 -6.84
CA HIS B 310 27.04 -28.71 -6.25
C HIS B 310 27.68 -27.51 -5.56
N LEU B 311 27.71 -26.36 -6.24
CA LEU B 311 28.35 -25.18 -5.65
C LEU B 311 27.56 -24.65 -4.45
N ALA B 312 26.24 -24.73 -4.51
CA ALA B 312 25.42 -24.28 -3.40
C ALA B 312 25.67 -25.14 -2.16
N TYR B 313 25.80 -26.45 -2.34
CA TYR B 313 26.13 -27.30 -1.20
C TYR B 313 27.55 -27.07 -0.70
N GLU B 314 28.50 -26.88 -1.62
CA GLU B 314 29.92 -26.86 -1.26
C GLU B 314 30.42 -25.50 -0.78
N GLN B 315 29.58 -24.48 -0.76
CA GLN B 315 29.99 -23.16 -0.32
C GLN B 315 29.04 -22.49 0.67
N PHE B 316 27.77 -22.90 0.71
CA PHE B 316 26.80 -22.32 1.63
C PHE B 316 26.16 -23.36 2.54
N ASN B 317 26.56 -24.63 2.42
CA ASN B 317 26.01 -25.69 3.25
C ASN B 317 24.49 -25.76 3.12
N PHE B 318 24.02 -25.69 1.88
CA PHE B 318 22.60 -25.71 1.55
C PHE B 318 22.36 -26.75 0.48
N THR B 319 21.36 -27.60 0.68
CA THR B 319 21.03 -28.68 -0.25
C THR B 319 19.89 -28.19 -1.13
N MET B 320 20.24 -27.73 -2.34
CA MET B 320 19.22 -27.22 -3.26
C MET B 320 18.19 -28.32 -3.57
N GLU B 321 16.92 -27.96 -3.42
CA GLU B 321 15.84 -28.86 -3.77
C GLU B 321 15.64 -28.90 -5.28
N ASP B 322 15.28 -30.06 -5.79
CA ASP B 322 15.05 -30.25 -7.22
C ASP B 322 13.62 -29.83 -7.55
N GLY B 323 13.47 -28.57 -7.94
CA GLY B 323 12.16 -28.05 -8.26
C GLY B 323 12.20 -27.05 -9.40
N LEU B 324 11.10 -26.34 -9.60
CA LEU B 324 10.99 -25.31 -10.62
C LEU B 324 11.28 -23.93 -10.08
N VAL B 325 11.63 -23.82 -8.79
CA VAL B 325 11.99 -22.53 -8.20
C VAL B 325 13.42 -22.14 -8.51
N ASN B 326 14.15 -22.93 -9.28
CA ASN B 326 15.55 -22.68 -9.57
C ASN B 326 15.75 -21.79 -10.79
N THR B 327 14.67 -21.37 -11.46
CA THR B 327 14.78 -20.45 -12.57
C THR B 327 14.99 -19.01 -12.12
N ILE B 328 14.92 -18.73 -10.83
CA ILE B 328 15.19 -17.40 -10.32
C ILE B 328 16.70 -17.24 -10.15
N PRO B 329 17.42 -18.19 -9.56
CA PRO B 329 18.89 -18.16 -9.66
C PRO B 329 19.41 -18.07 -11.08
N ALA B 330 18.85 -18.88 -11.99
CA ALA B 330 19.27 -18.81 -13.39
C ALA B 330 18.93 -17.46 -13.99
N SER B 331 17.82 -16.87 -13.57
CA SER B 331 17.46 -15.54 -14.06
C SER B 331 18.45 -14.49 -13.59
N PHE B 332 18.90 -14.57 -12.34
CA PHE B 332 19.94 -13.66 -11.86
C PHE B 332 21.23 -13.86 -12.66
N HIS B 333 21.59 -15.12 -12.93
CA HIS B 333 22.78 -15.41 -13.72
C HIS B 333 22.70 -14.76 -15.11
N ASP B 334 21.59 -15.00 -15.82
CA ASP B 334 21.45 -14.45 -17.16
C ASP B 334 21.38 -12.93 -17.14
N GLY B 335 20.67 -12.36 -16.19
CA GLY B 335 20.56 -10.91 -16.13
C GLY B 335 21.89 -10.24 -15.86
N LEU B 336 22.71 -10.83 -14.99
CA LEU B 336 24.01 -10.24 -14.74
C LEU B 336 24.92 -10.39 -15.94
N LEU B 337 24.86 -11.51 -16.65
CA LEU B 337 25.66 -11.64 -17.85
C LEU B 337 25.23 -10.62 -18.90
N LEU B 338 23.92 -10.40 -19.03
CA LEU B 338 23.43 -9.40 -19.97
C LEU B 338 23.88 -8.00 -19.58
N TYR B 339 23.85 -7.67 -18.29
CA TYR B 339 24.34 -6.37 -17.86
C TYR B 339 25.82 -6.20 -18.19
N ILE B 340 26.60 -7.26 -18.00
CA ILE B 340 28.03 -7.17 -18.31
C ILE B 340 28.22 -6.95 -19.80
N GLN B 341 27.45 -7.64 -20.64
CA GLN B 341 27.54 -7.42 -22.08
C GLN B 341 27.21 -5.96 -22.43
N ALA B 342 26.13 -5.44 -21.84
CA ALA B 342 25.71 -4.07 -22.16
C ALA B 342 26.77 -3.05 -21.75
N VAL B 343 27.35 -3.22 -20.56
CA VAL B 343 28.37 -2.26 -20.13
C VAL B 343 29.62 -2.41 -20.98
N THR B 344 29.92 -3.63 -21.45
CA THR B 344 31.03 -3.79 -22.37
C THR B 344 30.82 -3.00 -23.64
N GLU B 345 29.64 -3.15 -24.26
CA GLU B 345 29.33 -2.34 -25.43
C GLU B 345 29.48 -0.86 -25.12
N THR B 346 28.98 -0.42 -23.97
CA THR B 346 29.03 0.99 -23.63
C THR B 346 30.47 1.48 -23.54
N LEU B 347 31.34 0.69 -22.91
CA LEU B 347 32.75 1.06 -22.85
C LEU B 347 33.37 1.09 -24.23
N ALA B 348 32.93 0.22 -25.13
CA ALA B 348 33.49 0.21 -26.48
C ALA B 348 33.26 1.55 -27.16
N HIS B 349 32.07 2.10 -27.05
CA HIS B 349 31.72 3.38 -27.71
C HIS B 349 32.05 4.57 -26.82
N GLY B 350 33.26 4.62 -26.29
CA GLY B 350 33.71 5.77 -25.54
C GLY B 350 32.79 6.15 -24.39
N GLY B 351 32.35 5.15 -23.61
CA GLY B 351 31.47 5.35 -22.50
C GLY B 351 32.16 5.24 -21.16
N THR B 352 31.37 4.92 -20.14
CA THR B 352 31.90 4.76 -18.79
C THR B 352 30.99 3.81 -18.03
N VAL B 353 31.54 3.22 -16.96
CA VAL B 353 30.74 2.34 -16.12
C VAL B 353 29.57 3.08 -15.51
N THR B 354 29.70 4.39 -15.30
CA THR B 354 28.73 5.16 -14.54
C THR B 354 27.62 5.73 -15.40
N ASP B 355 27.60 5.45 -16.71
CA ASP B 355 26.54 5.92 -17.58
C ASP B 355 25.34 5.00 -17.41
N GLY B 356 24.58 5.25 -16.36
CA GLY B 356 23.47 4.36 -16.03
C GLY B 356 22.46 4.25 -17.15
N GLU B 357 22.04 5.38 -17.69
CA GLU B 357 21.00 5.37 -18.72
C GLU B 357 21.49 4.70 -20.00
N ASN B 358 22.71 4.98 -20.41
CA ASN B 358 23.21 4.40 -21.65
C ASN B 358 23.45 2.90 -21.51
N ILE B 359 23.96 2.46 -20.36
CA ILE B 359 24.10 1.03 -20.12
C ILE B 359 22.75 0.35 -20.11
N THR B 360 21.76 0.98 -19.47
CA THR B 360 20.44 0.38 -19.34
C THR B 360 19.75 0.26 -20.70
N GLN B 361 19.79 1.32 -21.50
CA GLN B 361 19.01 1.33 -22.73
C GLN B 361 19.50 0.28 -23.73
N ARG B 362 20.73 -0.21 -23.58
CA ARG B 362 21.20 -1.31 -24.41
C ARG B 362 20.71 -2.67 -23.91
N MET B 363 20.36 -2.78 -22.63
CA MET B 363 19.77 -4.02 -22.14
C MET B 363 18.32 -4.18 -22.59
N TRP B 364 17.54 -3.11 -22.54
CA TRP B 364 16.13 -3.20 -22.85
C TRP B 364 15.94 -3.37 -24.36
N ASN B 365 14.88 -4.08 -24.73
CA ASN B 365 14.53 -4.25 -26.13
C ASN B 365 15.62 -4.96 -26.91
N ARG B 366 16.10 -6.08 -26.38
CA ARG B 366 17.01 -6.91 -27.14
C ARG B 366 17.07 -8.31 -26.55
N SER B 367 17.36 -9.28 -27.41
CA SER B 367 17.38 -10.69 -27.05
C SER B 367 18.78 -11.11 -26.58
N PHE B 368 18.84 -12.31 -26.03
CA PHE B 368 20.04 -12.78 -25.35
C PHE B 368 20.01 -14.30 -25.33
N GLN B 369 21.16 -14.91 -25.08
CA GLN B 369 21.28 -16.36 -25.00
C GLN B 369 21.95 -16.70 -23.67
N GLY B 370 21.17 -17.06 -22.68
CA GLY B 370 21.66 -17.50 -21.39
C GLY B 370 21.55 -19.00 -21.22
N VAL B 371 21.42 -19.43 -19.97
CA VAL B 371 21.18 -20.84 -19.67
C VAL B 371 19.70 -21.17 -19.60
N THR B 372 18.83 -20.17 -19.53
CA THR B 372 17.39 -20.39 -19.52
C THR B 372 16.78 -20.27 -20.91
N GLY B 373 17.59 -20.29 -21.95
CA GLY B 373 17.12 -20.20 -23.31
C GLY B 373 17.47 -18.88 -23.96
N TYR B 374 16.76 -18.58 -25.04
CA TYR B 374 16.95 -17.33 -25.77
C TYR B 374 16.02 -16.28 -25.17
N LEU B 375 16.59 -15.31 -24.46
CA LEU B 375 15.80 -14.32 -23.76
C LEU B 375 15.31 -13.23 -24.71
N LYS B 376 14.45 -12.37 -24.18
CA LYS B 376 14.00 -11.17 -24.85
C LYS B 376 13.43 -10.25 -23.79
N ILE B 377 14.02 -9.06 -23.62
CA ILE B 377 13.56 -8.10 -22.64
C ILE B 377 12.71 -7.05 -23.35
N ASP B 378 11.45 -6.98 -22.97
CA ASP B 378 10.48 -6.06 -23.55
C ASP B 378 11.05 -4.65 -23.58
N SER B 379 10.51 -3.79 -24.46
CA SER B 379 10.99 -2.43 -24.55
C SER B 379 10.75 -1.65 -23.26
N SER B 380 9.88 -2.16 -22.38
CA SER B 380 9.62 -1.54 -21.09
C SER B 380 10.59 -1.99 -20.02
N GLY B 381 11.46 -2.96 -20.30
CA GLY B 381 12.48 -3.38 -19.38
C GLY B 381 12.25 -4.71 -18.70
N ASP B 382 11.12 -5.37 -18.97
CA ASP B 382 10.77 -6.61 -18.30
C ASP B 382 10.97 -7.79 -19.25
N ARG B 383 11.62 -8.84 -18.76
CA ARG B 383 11.83 -10.03 -19.57
C ARG B 383 10.50 -10.63 -19.99
N GLU B 384 10.40 -11.21 -21.19
CA GLU B 384 9.19 -11.83 -21.74
C GLU B 384 9.11 -13.25 -21.15
N THR B 385 8.09 -13.59 -20.36
CA THR B 385 7.94 -14.80 -19.56
C THR B 385 7.21 -15.88 -20.34
N ASP B 386 7.65 -17.13 -20.15
CA ASP B 386 7.04 -18.30 -20.75
C ASP B 386 6.33 -19.09 -19.66
N PHE B 387 5.10 -19.50 -19.94
CA PHE B 387 4.27 -20.23 -18.99
C PHE B 387 3.92 -21.60 -19.53
N SER B 388 3.35 -22.42 -18.65
CA SER B 388 2.99 -23.79 -18.98
C SER B 388 1.65 -24.12 -18.33
N LEU B 389 0.92 -25.05 -18.93
CA LEU B 389 -0.42 -25.40 -18.48
C LEU B 389 -0.53 -26.93 -18.40
N TRP B 390 -0.83 -27.44 -17.21
CA TRP B 390 -0.92 -28.86 -16.96
C TRP B 390 -2.37 -29.32 -17.02
N ASP B 391 -2.55 -30.62 -17.24
CA ASP B 391 -3.87 -31.19 -17.35
C ASP B 391 -3.81 -32.67 -16.98
N MET B 392 -4.98 -33.26 -16.76
CA MET B 392 -5.10 -34.62 -16.26
C MET B 392 -5.19 -35.62 -17.40
N ASP B 393 -4.52 -36.75 -17.24
CA ASP B 393 -4.65 -37.86 -18.18
C ASP B 393 -5.92 -38.64 -17.85
N PRO B 394 -6.84 -38.82 -18.80
CA PRO B 394 -8.07 -39.56 -18.49
C PRO B 394 -7.82 -41.00 -18.07
N GLU B 395 -6.65 -41.55 -18.39
CA GLU B 395 -6.41 -42.97 -18.15
C GLU B 395 -5.99 -43.23 -16.71
N ASN B 396 -4.86 -42.66 -16.28
CA ASN B 396 -4.33 -42.89 -14.94
C ASN B 396 -4.46 -41.67 -14.04
N GLY B 397 -5.16 -40.63 -14.49
CA GLY B 397 -5.36 -39.47 -13.64
C GLY B 397 -4.07 -38.83 -13.18
N ALA B 398 -3.06 -38.81 -14.03
CA ALA B 398 -1.78 -38.18 -13.76
C ALA B 398 -1.72 -36.86 -14.51
N PHE B 399 -1.15 -35.85 -13.87
CA PHE B 399 -1.05 -34.53 -14.46
C PHE B 399 0.23 -34.39 -15.27
N ARG B 400 0.11 -33.75 -16.42
CA ARG B 400 1.24 -33.48 -17.30
C ARG B 400 0.91 -32.31 -18.23
N VAL B 401 1.95 -31.74 -18.82
CA VAL B 401 1.83 -30.49 -19.56
C VAL B 401 1.17 -30.76 -20.91
N VAL B 402 0.36 -29.80 -21.36
CA VAL B 402 -0.29 -29.89 -22.67
C VAL B 402 -0.13 -28.64 -23.50
N LEU B 403 0.28 -27.51 -22.92
CA LEU B 403 0.31 -26.24 -23.65
C LEU B 403 1.47 -25.43 -23.08
N ASN B 404 2.50 -25.21 -23.89
CA ASN B 404 3.57 -24.29 -23.57
C ASN B 404 3.30 -22.96 -24.25
N TYR B 405 3.58 -21.87 -23.55
CA TYR B 405 3.33 -20.53 -24.04
C TYR B 405 4.66 -19.79 -24.17
N ASN B 406 4.93 -19.25 -25.36
CA ASN B 406 6.16 -18.51 -25.63
C ASN B 406 5.86 -17.02 -25.59
N GLY B 407 6.44 -16.31 -24.62
CA GLY B 407 6.11 -14.92 -24.41
C GLY B 407 6.74 -13.99 -25.43
N THR B 408 7.83 -14.40 -26.08
CA THR B 408 8.47 -13.54 -27.06
C THR B 408 7.56 -13.33 -28.27
N SER B 409 7.06 -14.42 -28.84
CA SER B 409 6.13 -14.35 -29.96
C SER B 409 4.68 -14.52 -29.53
N GLN B 410 4.43 -14.70 -28.24
CA GLN B 410 3.07 -14.82 -27.71
C GLN B 410 2.31 -15.94 -28.42
N GLU B 411 2.98 -17.05 -28.68
CA GLU B 411 2.39 -18.19 -29.37
C GLU B 411 2.09 -19.28 -28.36
N LEU B 412 0.86 -19.78 -28.38
CA LEU B 412 0.41 -20.83 -27.49
C LEU B 412 0.46 -22.15 -28.25
N VAL B 413 1.53 -22.91 -28.06
CA VAL B 413 1.84 -24.08 -28.86
C VAL B 413 1.64 -25.33 -28.00
N ALA B 414 0.87 -26.28 -28.52
CA ALA B 414 0.56 -27.48 -27.76
C ALA B 414 1.64 -28.54 -27.95
N VAL B 415 1.83 -29.34 -26.90
CA VAL B 415 2.83 -30.39 -26.94
C VAL B 415 2.39 -31.46 -27.93
N SER B 416 3.36 -32.08 -28.61
CA SER B 416 3.05 -33.14 -29.54
C SER B 416 2.58 -34.37 -28.77
N GLY B 417 1.48 -34.97 -29.24
CA GLY B 417 0.92 -36.13 -28.61
C GLY B 417 0.02 -35.85 -27.43
N ARG B 418 -0.17 -34.58 -27.07
CA ARG B 418 -0.99 -34.21 -25.94
C ARG B 418 -2.04 -33.20 -26.37
N LYS B 419 -3.15 -33.18 -25.65
CA LYS B 419 -4.24 -32.25 -25.90
C LYS B 419 -5.00 -32.01 -24.61
N LEU B 420 -5.72 -30.90 -24.57
CA LEU B 420 -6.58 -30.61 -23.43
C LEU B 420 -7.76 -31.56 -23.43
N ASN B 421 -8.05 -32.16 -22.28
CA ASN B 421 -9.13 -33.13 -22.15
C ASN B 421 -10.23 -32.54 -21.29
N TRP B 422 -11.38 -32.31 -21.90
CA TRP B 422 -12.56 -31.77 -21.25
C TRP B 422 -13.62 -32.85 -21.09
N PRO B 423 -14.41 -32.81 -20.01
CA PRO B 423 -15.44 -33.86 -19.84
C PRO B 423 -16.42 -33.94 -20.99
N LEU B 424 -16.77 -32.82 -21.60
CA LEU B 424 -17.74 -32.79 -22.69
C LEU B 424 -17.09 -32.83 -24.06
N GLY B 425 -15.76 -32.95 -24.14
CA GLY B 425 -15.06 -32.96 -25.40
C GLY B 425 -14.64 -31.61 -25.91
N TYR B 426 -15.20 -30.53 -25.36
CA TYR B 426 -14.87 -29.18 -25.77
C TYR B 426 -14.96 -28.27 -24.55
N PRO B 427 -14.30 -27.11 -24.59
CA PRO B 427 -14.29 -26.26 -23.41
C PRO B 427 -15.69 -25.85 -23.01
N PRO B 428 -15.96 -25.73 -21.72
CA PRO B 428 -17.28 -25.26 -21.29
C PRO B 428 -17.42 -23.77 -21.55
N PRO B 429 -18.64 -23.26 -21.64
CA PRO B 429 -18.82 -21.82 -21.82
C PRO B 429 -18.48 -21.06 -20.54
N ASP B 430 -18.13 -19.80 -20.70
CA ASP B 430 -17.90 -18.92 -19.57
C ASP B 430 -19.17 -18.26 -19.07
N ILE B 431 -20.23 -18.30 -19.87
CA ILE B 431 -21.55 -17.84 -19.46
C ILE B 431 -22.50 -19.02 -19.64
N PRO B 432 -23.16 -19.51 -18.58
CA PRO B 432 -24.01 -20.68 -18.73
C PRO B 432 -25.13 -20.42 -19.74
N LYS B 433 -25.49 -21.47 -20.46
CA LYS B 433 -26.51 -21.31 -21.50
C LYS B 433 -27.82 -20.78 -20.90
N CYS B 434 -28.21 -21.30 -19.74
CA CYS B 434 -29.43 -20.82 -19.11
C CYS B 434 -29.23 -19.43 -18.52
N GLY B 435 -28.12 -19.21 -17.83
CA GLY B 435 -27.82 -17.94 -17.21
C GLY B 435 -27.41 -18.11 -15.76
N PHE B 436 -26.92 -17.02 -15.20
CA PHE B 436 -26.48 -16.99 -13.81
C PHE B 436 -27.67 -16.93 -12.87
N ARG C 4 -7.38 -5.88 10.26
CA ARG C 4 -7.47 -5.54 8.85
C ARG C 4 -8.64 -6.24 8.18
N SER C 5 -9.03 -5.75 7.01
CA SER C 5 -10.06 -6.40 6.20
C SER C 5 -9.52 -6.61 4.80
N SER C 6 -10.38 -7.01 3.86
CA SER C 6 -9.92 -7.22 2.49
C SER C 6 -9.39 -5.95 1.86
N CYS C 7 -9.73 -4.78 2.41
CA CYS C 7 -9.37 -3.49 1.85
C CYS C 7 -8.48 -2.66 2.76
N PHE C 8 -8.81 -2.58 4.05
CA PHE C 8 -8.13 -1.71 4.99
C PHE C 8 -7.15 -2.50 5.85
N GLY C 9 -6.20 -1.79 6.43
CA GLY C 9 -5.26 -2.39 7.35
C GLY C 9 -3.99 -2.95 6.72
N GLY C 10 -3.65 -2.53 5.51
CA GLY C 10 -2.42 -2.96 4.87
C GLY C 10 -1.26 -2.09 5.25
N ARG C 11 -0.18 -2.22 4.48
CA ARG C 11 1.02 -1.41 4.68
C ARG C 11 0.89 -0.10 3.93
N MET C 12 1.48 0.95 4.51
CA MET C 12 1.40 2.29 3.92
C MET C 12 2.55 2.51 2.94
N ASP C 13 2.65 1.60 1.98
CA ASP C 13 3.55 1.72 0.85
C ASP C 13 2.73 1.97 -0.39
N ARG C 14 3.28 2.76 -1.31
CA ARG C 14 2.57 3.10 -2.55
C ARG C 14 2.58 1.97 -3.56
N ILE C 15 3.32 0.88 -3.29
CA ILE C 15 3.40 -0.21 -4.25
C ILE C 15 2.13 -1.06 -4.22
N GLY C 16 1.45 -1.15 -3.09
CA GLY C 16 0.23 -1.90 -2.98
C GLY C 16 -1.03 -1.12 -3.27
N ALA C 17 -0.91 0.16 -3.64
CA ALA C 17 -2.06 1.01 -3.92
C ALA C 17 -2.33 1.17 -5.40
N GLN C 18 -1.64 0.39 -6.26
CA GLN C 18 -1.82 0.56 -7.69
C GLN C 18 -3.23 0.22 -8.13
N SER C 19 -3.80 -0.86 -7.60
CA SER C 19 -5.13 -1.31 -7.99
C SER C 19 -6.01 -1.45 -6.76
N GLY C 20 -7.26 -1.01 -6.88
CA GLY C 20 -8.22 -1.17 -5.82
C GLY C 20 -8.76 -2.58 -5.76
N LEU C 21 -7.86 -3.54 -5.62
CA LEU C 21 -8.24 -4.94 -5.56
C LEU C 21 -8.58 -5.31 -4.12
N GLY C 22 -9.74 -5.92 -3.92
CA GLY C 22 -10.24 -6.19 -2.59
C GLY C 22 -11.12 -5.11 -2.01
N CYS C 23 -11.18 -3.95 -2.64
CA CYS C 23 -12.03 -2.85 -2.20
C CYS C 23 -13.22 -2.70 -3.13
N ASN C 24 -14.31 -2.15 -2.58
CA ASN C 24 -15.47 -1.80 -3.38
C ASN C 24 -15.21 -0.48 -4.10
N SER C 25 -15.32 -0.50 -5.42
CA SER C 25 -15.01 0.68 -6.22
C SER C 25 -15.88 0.69 -7.46
N PHE C 26 -16.08 1.89 -8.01
CA PHE C 26 -16.77 2.08 -9.27
C PHE C 26 -15.82 2.25 -10.44
N ARG C 27 -14.52 2.27 -10.21
CA ARG C 27 -13.56 2.54 -11.26
C ARG C 27 -12.72 1.32 -11.58
#